data_7EJX
#
_entry.id   7EJX
#
_cell.length_a   1.00
_cell.length_b   1.00
_cell.length_c   1.00
_cell.angle_alpha   90.00
_cell.angle_beta   90.00
_cell.angle_gamma   90.00
#
_symmetry.space_group_name_H-M   'P 1'
#
loop_
_entity.id
_entity.type
_entity.pdbx_description
1 polymer 'Probable G-protein coupled receptor 88'
2 polymer 'Guanine nucleotide-binding protein G(i) subunit alpha-1'
3 polymer 'Guanine nucleotide-binding protein G(I)/G(S)/G(T) subunit beta-1'
4 polymer 'Guanine nucleotide-binding protein G(I)/G(S)/G(O) subunit gamma-2'
5 polymer scFv16
6 non-polymer (1R,2R)-N-[(2S,3S)-2-azanyl-3-methyl-pentyl]-N-[4-(4-propylphenyl)phenyl]-2-pyridin-2-yl-cyclopropane-1-carboxamide
7 non-polymer CHOLESTEROL
8 water water
#
loop_
_entity_poly.entity_id
_entity_poly.type
_entity_poly.pdbx_seq_one_letter_code
_entity_poly.pdbx_strand_id
1 'polypeptide(L)'
;MTNSSSTSTSSTTGGSLLLLCEEEESWAGRRIPVSLLYSGLAIGGTLANGMVIYLVSSFRKLQTTSNAFIVNGCAADLSV
CALWMPQEAVLGLLPTGSAEPPADWDGAGGSYRLLRGGLLGLGLTVSLLSHCLVALNRYLLITRAPATYQALYQRRHTAG
MLALSWALALGLVLLLPPWAPRPGAAPPRIHYPALLAAAALLAQTALLLHCYLGIVRRVRVSVKRVSVLNFHLLHQLPGC
AAAAAAFPGAQHAPGPGGAAHPAQAQPLPPALHPRRAQRRLSGLSVLLLCCVFLLATQPLVWVSLASGFSLPVPWGVQAA
SWLLCCALSALNPLLYTWRNEEFRRSVRSVLPGVGDAAAAAVAATAVPAVSQAQLGTRAAGQHW
;
R
2 'polypeptide(L)'
;MGCTLSAEDKAAVERSKMIDRNLREDGEKAAREVKLLLLGAGESGKSTIVKQMKIIHEAGYSEEECKQYKAVVYSNTIQS
IIAIIRAMGRLKIDFGDSARADDARQLFVLAGAAEEGFMTAELAGVIKRLWKDSGVQACFNRSREYQLNDSAAYYLNDLD
RIAQPNYIPTQQDVLRTRVKTTGIVETHFTFKDLHFKMFDVGGQRSERKKWIHCFEGVTAIIFCVALSDYDLVLAEDEEM
NRMHESMKLFDSICNNKWFTDTSIILFLNKKDLFEEKIKKSPLTICYPEYAGSNTYEEAAAYIQCQFEDLNKRKDTKEIY
THFTCATDTKNVQFVFDAVTDVIIKNNLKDCGLF
;
A
3 'polypeptide(L)'
;HHHHHHLEVLFQGPGSSGSELDQLRQEAEQLKNQIRDARKACADATLSQITNNIDPVGRIQMRTRRTLRGHLAKIYAMHW
GTDSRLLVSASQDGKLIIWDSYTTNKVHAIPLRSSWVMTCAYAPSGNYVACGGLDNICSIYNLKTREGNVRVSRELAGHT
GYLSCCRFLDDNQIVTSSGDTTCALWDIETGQQTTTFTGHTGDVMSLSLAPDTRLFVSGACDASAKLWDVREGMCRQTFT
GHESDINAICFFPNGNAFATGSDDATCRLFDLRADQELMTYSHDNIICGITSVSFSKSGRLLLAGYDDFNCNVWDALKAD
RAGVLAGHDNRVSCLGVTDDGMAVATGSWDSFLKIWN
;
B
4 'polypeptide(L)' MASNNTASIAQARKLVEQLKMEANIDRIKVSKAAADLMAYCEAHAKEDPLLTPVPASENPFREKKFFCAIL G
5 'polypeptide(L)'
;DVQLVESGGGLVQPGGSRKLSCSASGFAFSSFGMHWVRQAPEKGLEWVAYISSGSGTIYYADTVKGRFTISRDDPKNTLF
LQMTSLRSEDTAMYYCVRSIYYYGSSPFDFWGQGTTLTVSSGGGGSGGGGSGGGGSDIVMTQATSSVPVTPGESVSISCR
SSKSLLHSNGNTYLYWFLQRPGQSPQLLIYRMSNLASGVPDRFSGSGSGTAFTLTISRLEAEDVGVYYCMQHLEYPLTFG
AGTKLELKAAAHHHHHHHH
;
S
#
loop_
_chem_comp.id
_chem_comp.type
_chem_comp.name
_chem_comp.formula
CLR non-polymer CHOLESTEROL 'C27 H46 O'
J5F non-polymer (1R,2R)-N-[(2S,3S)-2-azanyl-3-methyl-pentyl]-N-[4-(4-propylphenyl)phenyl]-2-pyridin-2-yl-cyclopropane-1-carboxamide 'C30 H37 N3 O'
#
# COMPACT_ATOMS: atom_id res chain seq x y z
N LEU A 37 -41.42 30.33 10.90
CA LEU A 37 -42.21 30.26 9.68
C LEU A 37 -41.38 29.62 8.56
N TYR A 38 -41.56 30.10 7.32
CA TYR A 38 -40.80 29.55 6.21
C TYR A 38 -39.30 29.63 6.44
N SER A 39 -38.85 30.66 7.18
CA SER A 39 -37.43 30.77 7.47
C SER A 39 -36.92 29.57 8.25
N GLY A 40 -37.80 28.88 8.99
CA GLY A 40 -37.39 27.67 9.68
C GLY A 40 -36.87 26.61 8.72
N LEU A 41 -37.49 26.52 7.54
CA LEU A 41 -37.00 25.58 6.53
C LEU A 41 -35.59 25.94 6.09
N ALA A 42 -35.32 27.24 5.95
CA ALA A 42 -33.96 27.67 5.60
C ALA A 42 -32.97 27.25 6.69
N ILE A 43 -33.36 27.38 7.96
CA ILE A 43 -32.49 26.94 9.05
C ILE A 43 -32.21 25.45 8.93
N GLY A 44 -33.25 24.65 8.67
CA GLY A 44 -33.04 23.23 8.48
C GLY A 44 -32.17 22.93 7.27
N GLY A 45 -32.33 23.72 6.20
CA GLY A 45 -31.52 23.49 5.01
C GLY A 45 -30.04 23.68 5.26
N THR A 46 -29.66 24.77 5.93
CA THR A 46 -28.25 25.01 6.21
C THR A 46 -27.70 23.93 7.14
N LEU A 47 -28.47 23.55 8.16
CA LEU A 47 -28.03 22.49 9.05
C LEU A 47 -27.87 21.17 8.31
N ALA A 48 -28.85 20.82 7.47
CA ALA A 48 -28.76 19.59 6.69
C ALA A 48 -27.57 19.63 5.75
N ASN A 49 -27.42 20.75 5.03
CA ASN A 49 -26.28 20.88 4.12
C ASN A 49 -24.96 20.89 4.88
N GLY A 50 -24.91 21.61 5.99
CA GLY A 50 -23.67 21.66 6.76
C GLY A 50 -23.22 20.30 7.23
N MET A 51 -24.16 19.45 7.65
CA MET A 51 -23.81 18.11 8.09
C MET A 51 -23.18 17.30 6.96
N VAL A 52 -23.75 17.40 5.76
CA VAL A 52 -23.24 16.63 4.63
C VAL A 52 -21.80 17.01 4.32
N ILE A 53 -21.50 18.31 4.30
CA ILE A 53 -20.12 18.74 4.07
C ILE A 53 -19.24 18.30 5.22
N TYR A 54 -19.73 18.44 6.45
CA TYR A 54 -18.93 18.01 7.61
C TYR A 54 -18.65 16.52 7.57
N LEU A 55 -19.67 15.71 7.24
CA LEU A 55 -19.47 14.28 7.16
C LEU A 55 -18.49 13.91 6.05
N VAL A 56 -18.63 14.55 4.88
CA VAL A 56 -17.73 14.23 3.77
C VAL A 56 -16.30 14.63 4.11
N SER A 57 -16.11 15.83 4.68
CA SER A 57 -14.77 16.26 5.04
C SER A 57 -14.18 15.39 6.16
N SER A 58 -14.99 15.07 7.17
CA SER A 58 -14.49 14.28 8.29
C SER A 58 -14.05 12.89 7.83
N PHE A 59 -14.84 12.25 6.97
CA PHE A 59 -14.55 10.91 6.50
C PHE A 59 -14.02 10.89 5.06
N ARG A 60 -13.25 11.92 4.69
CA ARG A 60 -12.74 12.06 3.33
C ARG A 60 -12.15 10.75 2.83
N LYS A 61 -11.52 9.99 3.73
CA LYS A 61 -10.98 8.69 3.35
C LYS A 61 -12.09 7.74 2.90
N LEU A 62 -13.22 7.77 3.59
CA LEU A 62 -14.30 6.81 3.35
C LEU A 62 -15.33 7.31 2.35
N GLN A 63 -15.14 8.48 1.75
CA GLN A 63 -16.05 9.02 0.75
C GLN A 63 -15.36 9.06 -0.60
N THR A 64 -16.05 8.60 -1.64
CA THR A 64 -15.47 8.40 -2.95
C THR A 64 -15.71 9.62 -3.84
N THR A 65 -15.36 9.48 -5.12
CA THR A 65 -15.53 10.59 -6.06
C THR A 65 -16.99 10.94 -6.29
N SER A 66 -17.89 9.97 -6.09
CA SER A 66 -19.31 10.24 -6.27
C SER A 66 -19.79 11.32 -5.32
N ASN A 67 -19.35 11.26 -4.06
CA ASN A 67 -19.75 12.26 -3.08
C ASN A 67 -19.14 13.63 -3.36
N ALA A 68 -18.15 13.72 -4.23
CA ALA A 68 -17.57 15.02 -4.57
C ALA A 68 -18.62 15.92 -5.22
N PHE A 69 -19.41 15.36 -6.13
CA PHE A 69 -20.46 16.14 -6.76
C PHE A 69 -21.60 16.43 -5.78
N ILE A 70 -21.88 15.49 -4.88
CA ILE A 70 -22.91 15.72 -3.87
C ILE A 70 -22.50 16.85 -2.94
N VAL A 71 -21.24 16.84 -2.48
CA VAL A 71 -20.78 17.87 -1.57
C VAL A 71 -20.70 19.21 -2.30
N ASN A 72 -20.29 19.19 -3.57
CA ASN A 72 -20.22 20.42 -4.34
C ASN A 72 -21.59 21.06 -4.46
N GLY A 73 -22.61 20.25 -4.74
CA GLY A 73 -23.97 20.78 -4.78
C GLY A 73 -24.44 21.21 -3.40
N CYS A 74 -24.07 20.46 -2.37
CA CYS A 74 -24.45 20.84 -1.01
C CYS A 74 -23.83 22.17 -0.60
N ALA A 75 -22.60 22.44 -1.00
CA ALA A 75 -22.00 23.72 -0.67
C ALA A 75 -22.77 24.86 -1.33
N ALA A 76 -23.08 24.69 -2.61
CA ALA A 76 -23.81 25.69 -3.36
C ALA A 76 -25.14 25.84 -2.70
N ASP A 77 -25.67 24.71 -2.21
CA ASP A 77 -26.95 24.71 -1.52
C ASP A 77 -26.88 25.48 -0.21
N LEU A 78 -25.72 25.40 0.46
CA LEU A 78 -25.55 26.10 1.73
C LEU A 78 -25.59 27.58 1.44
N SER A 79 -24.97 27.97 0.34
CA SER A 79 -24.97 29.37 -0.03
C SER A 79 -26.39 29.92 -0.20
N VAL A 80 -27.28 29.15 -0.79
CA VAL A 80 -28.65 29.57 -1.04
C VAL A 80 -29.46 29.56 0.25
N CYS A 81 -29.31 28.52 1.06
CA CYS A 81 -30.04 28.44 2.31
C CYS A 81 -29.61 29.54 3.28
N ALA A 82 -28.31 29.81 3.34
CA ALA A 82 -27.81 30.82 4.28
C ALA A 82 -28.39 32.20 3.95
N LEU A 83 -28.45 32.55 2.66
CA LEU A 83 -28.93 33.87 2.29
C LEU A 83 -30.37 34.09 2.72
N TRP A 84 -31.18 33.05 2.57
CA TRP A 84 -32.60 33.10 2.92
C TRP A 84 -32.86 32.91 4.40
N MET A 85 -31.81 32.60 5.17
CA MET A 85 -31.93 32.41 6.61
C MET A 85 -31.85 33.75 7.33
N PRO A 86 -32.71 33.97 8.33
CA PRO A 86 -32.65 35.24 9.06
N ARG A 113 -30.82 44.53 -1.84
CA ARG A 113 -29.41 44.17 -1.83
C ARG A 113 -29.02 43.52 -3.15
N LEU A 114 -28.25 44.26 -3.96
CA LEU A 114 -27.79 43.71 -5.24
C LEU A 114 -26.89 42.51 -5.04
N LEU A 115 -26.00 42.56 -4.04
CA LEU A 115 -25.12 41.43 -3.78
C LEU A 115 -25.91 40.20 -3.37
N ARG A 116 -26.94 40.37 -2.54
CA ARG A 116 -27.74 39.24 -2.11
C ARG A 116 -28.41 38.57 -3.31
N GLY A 117 -28.98 39.37 -4.21
CA GLY A 117 -29.62 38.79 -5.38
C GLY A 117 -28.62 38.14 -6.31
N GLY A 118 -27.48 38.80 -6.54
CA GLY A 118 -26.48 38.24 -7.43
C GLY A 118 -25.88 36.94 -6.90
N LEU A 119 -25.53 36.92 -5.61
CA LEU A 119 -24.97 35.72 -5.03
C LEU A 119 -25.99 34.59 -4.98
N LEU A 120 -27.25 34.91 -4.71
CA LEU A 120 -28.28 33.87 -4.72
C LEU A 120 -28.40 33.23 -6.09
N GLY A 121 -28.37 34.04 -7.15
CA GLY A 121 -28.41 33.47 -8.49
C GLY A 121 -27.26 32.51 -8.73
N LEU A 122 -26.07 32.83 -8.23
CA LEU A 122 -24.93 31.93 -8.36
C LEU A 122 -25.19 30.63 -7.61
N GLY A 123 -25.75 30.72 -6.41
CA GLY A 123 -25.99 29.53 -5.62
C GLY A 123 -26.97 28.57 -6.29
N LEU A 124 -28.05 29.10 -6.84
CA LEU A 124 -29.06 28.25 -7.46
C LEU A 124 -28.52 27.55 -8.70
N THR A 125 -27.82 28.28 -9.56
CA THR A 125 -27.33 27.68 -10.81
C THR A 125 -26.33 26.56 -10.53
N VAL A 126 -25.47 26.74 -9.52
CA VAL A 126 -24.55 25.68 -9.16
C VAL A 126 -25.31 24.48 -8.59
N SER A 127 -26.36 24.78 -7.83
CA SER A 127 -27.19 23.74 -7.24
C SER A 127 -27.81 22.89 -8.36
N LEU A 128 -28.40 23.56 -9.35
CA LEU A 128 -29.01 22.88 -10.48
C LEU A 128 -27.96 22.19 -11.33
N LEU A 129 -26.83 22.84 -11.56
CA LEU A 129 -25.75 22.21 -12.32
C LEU A 129 -25.21 20.98 -11.60
N SER A 130 -25.05 21.07 -10.28
CA SER A 130 -24.57 19.91 -9.52
C SER A 130 -25.55 18.76 -9.59
N HIS A 131 -26.85 19.03 -9.74
CA HIS A 131 -27.83 17.97 -9.92
C HIS A 131 -27.53 17.18 -11.18
N CYS A 132 -27.20 17.87 -12.27
CA CYS A 132 -26.85 17.18 -13.51
C CYS A 132 -25.56 16.40 -13.35
N LEU A 133 -24.56 16.98 -12.69
CA LEU A 133 -23.29 16.29 -12.52
C LEU A 133 -23.47 15.04 -11.68
N VAL A 134 -24.24 15.12 -10.60
CA VAL A 134 -24.52 13.94 -9.78
C VAL A 134 -25.30 12.91 -10.58
N ALA A 135 -26.32 13.36 -11.31
CA ALA A 135 -27.11 12.43 -12.12
C ALA A 135 -26.26 11.78 -13.20
N LEU A 136 -25.41 12.56 -13.87
CA LEU A 136 -24.53 12.00 -14.89
C LEU A 136 -23.53 11.02 -14.28
N ASN A 137 -22.94 11.38 -13.14
CA ASN A 137 -21.97 10.49 -12.51
C ASN A 137 -22.60 9.16 -12.13
N ARG A 138 -23.80 9.20 -11.56
CA ARG A 138 -24.50 7.97 -11.23
C ARG A 138 -24.85 7.18 -12.49
N TYR A 139 -25.32 7.87 -13.53
CA TYR A 139 -25.69 7.18 -14.76
C TYR A 139 -24.49 6.51 -15.41
N LEU A 140 -23.35 7.20 -15.46
CA LEU A 140 -22.16 6.63 -16.09
C LEU A 140 -21.56 5.50 -15.26
N LEU A 141 -21.58 5.64 -13.93
CA LEU A 141 -21.02 4.59 -13.08
C LEU A 141 -21.81 3.30 -13.22
N ILE A 142 -23.13 3.39 -13.30
CA ILE A 142 -23.97 2.20 -13.31
C ILE A 142 -24.15 1.62 -14.72
N THR A 143 -23.99 2.43 -15.76
CA THR A 143 -24.24 1.98 -17.13
C THR A 143 -22.95 1.74 -17.91
N ARG A 144 -22.04 2.71 -17.93
CA ARG A 144 -20.84 2.58 -18.74
C ARG A 144 -19.90 1.54 -18.14
N ALA A 145 -18.98 1.05 -18.98
CA ALA A 145 -18.01 0.07 -18.52
C ALA A 145 -17.02 0.72 -17.56
N PRO A 146 -16.43 -0.06 -16.65
CA PRO A 146 -15.50 0.54 -15.68
C PRO A 146 -14.33 1.28 -16.32
N ALA A 147 -13.81 0.77 -17.44
CA ALA A 147 -12.66 1.41 -18.07
C ALA A 147 -13.00 2.81 -18.53
N THR A 148 -14.15 2.99 -19.18
CA THR A 148 -14.54 4.31 -19.65
C THR A 148 -14.83 5.25 -18.48
N TYR A 149 -15.50 4.73 -17.44
CA TYR A 149 -15.79 5.56 -16.28
C TYR A 149 -14.52 6.02 -15.58
N GLN A 150 -13.54 5.12 -15.43
CA GLN A 150 -12.29 5.48 -14.77
C GLN A 150 -11.55 6.55 -15.56
N ALA A 151 -11.49 6.40 -16.88
CA ALA A 151 -10.80 7.40 -17.70
C ALA A 151 -11.48 8.77 -17.60
N LEU A 152 -12.81 8.78 -17.64
CA LEU A 152 -13.52 10.05 -17.60
C LEU A 152 -13.39 10.74 -16.24
N TYR A 153 -13.61 10.00 -15.17
CA TYR A 153 -13.66 10.59 -13.83
C TYR A 153 -12.32 10.45 -13.11
N GLN A 154 -11.30 11.03 -13.74
CA GLN A 154 -10.00 11.14 -13.09
C GLN A 154 -10.06 12.18 -11.97
N ARG A 155 -9.10 12.12 -11.07
CA ARG A 155 -9.08 13.05 -9.94
C ARG A 155 -9.01 14.50 -10.43
N ARG A 156 -8.16 14.73 -11.43
CA ARG A 156 -7.99 16.05 -12.00
C ARG A 156 -9.23 16.42 -12.79
N HIS A 157 -9.90 15.41 -13.37
CA HIS A 157 -11.11 15.66 -14.18
C HIS A 157 -12.28 16.03 -13.26
N THR A 158 -12.40 15.33 -12.12
CA THR A 158 -13.44 15.64 -11.16
C THR A 158 -13.27 17.06 -10.63
N ALA A 159 -12.04 17.44 -10.29
CA ALA A 159 -11.79 18.80 -9.82
C ALA A 159 -12.11 19.82 -10.91
N GLY A 160 -11.73 19.52 -12.15
CA GLY A 160 -12.04 20.43 -13.24
C GLY A 160 -13.54 20.58 -13.47
N MET A 161 -14.27 19.47 -13.40
CA MET A 161 -15.72 19.52 -13.58
C MET A 161 -16.37 20.38 -12.49
N LEU A 162 -15.93 20.21 -11.25
CA LEU A 162 -16.48 21.02 -10.16
C LEU A 162 -16.18 22.50 -10.37
N ALA A 163 -14.92 22.82 -10.65
CA ALA A 163 -14.54 24.22 -10.84
C ALA A 163 -15.26 24.82 -12.05
N LEU A 164 -15.39 24.05 -13.13
CA LEU A 164 -16.07 24.56 -14.31
C LEU A 164 -17.52 24.92 -14.00
N SER A 165 -18.17 24.15 -13.12
CA SER A 165 -19.54 24.46 -12.74
C SER A 165 -19.62 25.83 -12.05
N TRP A 166 -18.71 26.08 -11.12
CA TRP A 166 -18.66 27.39 -10.48
C TRP A 166 -18.29 28.49 -11.47
N ALA A 167 -17.31 28.23 -12.32
CA ALA A 167 -16.90 29.23 -13.30
C ALA A 167 -18.05 29.54 -14.27
N LEU A 168 -18.73 28.50 -14.74
CA LEU A 168 -19.90 28.72 -15.60
C LEU A 168 -20.99 29.47 -14.84
N ALA A 169 -21.20 29.10 -13.57
CA ALA A 169 -22.22 29.79 -12.77
C ALA A 169 -21.90 31.26 -12.62
N LEU A 170 -20.65 31.58 -12.27
CA LEU A 170 -20.28 32.98 -12.06
C LEU A 170 -20.41 33.78 -13.35
N GLY A 171 -19.99 33.20 -14.47
CA GLY A 171 -20.09 33.91 -15.73
C GLY A 171 -21.53 34.24 -16.10
N LEU A 172 -22.44 33.28 -15.92
CA LEU A 172 -23.84 33.53 -16.27
C LEU A 172 -24.44 34.65 -15.44
N VAL A 173 -24.15 34.67 -14.14
CA VAL A 173 -24.73 35.68 -13.26
C VAL A 173 -24.24 37.06 -13.64
N LEU A 174 -22.93 37.21 -13.82
CA LEU A 174 -22.37 38.53 -14.12
C LEU A 174 -22.64 38.93 -15.56
N LEU A 175 -22.52 38.02 -16.52
CA LEU A 175 -22.71 38.42 -17.94
C LEU A 175 -24.14 38.17 -18.43
N LEU A 176 -25.17 38.50 -17.62
CA LEU A 176 -26.57 38.38 -18.15
C LEU A 176 -27.53 39.37 -17.47
N PRO A 177 -28.69 39.76 -18.06
CA PRO A 177 -29.69 40.59 -17.32
C PRO A 177 -30.43 39.72 -16.30
N PRO A 178 -30.70 40.19 -15.06
CA PRO A 178 -31.24 39.31 -13.99
C PRO A 178 -32.70 38.83 -14.05
N TRP A 179 -33.62 39.71 -14.42
CA TRP A 179 -35.07 39.37 -14.36
C TRP A 179 -35.36 37.93 -14.80
N ALA A 180 -35.99 37.12 -13.93
CA ALA A 180 -36.31 35.72 -14.26
C ALA A 180 -37.59 35.30 -13.54
N HIS A 191 -38.30 38.24 -22.14
CA HIS A 191 -36.99 38.75 -22.64
C HIS A 191 -36.04 37.58 -22.91
N TYR A 192 -34.83 37.88 -23.39
CA TYR A 192 -33.81 36.84 -23.65
C TYR A 192 -33.48 36.11 -22.34
N PRO A 193 -33.20 36.76 -21.17
CA PRO A 193 -32.96 36.00 -19.93
C PRO A 193 -34.06 35.00 -19.58
N ALA A 194 -35.31 35.42 -19.69
CA ALA A 194 -36.44 34.52 -19.33
C ALA A 194 -36.46 33.34 -20.29
N LEU A 195 -36.28 33.59 -21.59
CA LEU A 195 -36.36 32.50 -22.59
C LEU A 195 -35.20 31.52 -22.36
N LEU A 196 -34.03 32.05 -22.01
CA LEU A 196 -32.82 31.21 -21.79
C LEU A 196 -33.05 30.35 -20.53
N ALA A 197 -33.41 30.99 -19.44
CA ALA A 197 -33.59 30.25 -18.20
C ALA A 197 -34.57 29.09 -18.40
N ALA A 198 -35.67 29.33 -19.10
CA ALA A 198 -36.64 28.27 -19.33
C ALA A 198 -36.03 27.15 -20.18
N ALA A 199 -35.29 27.52 -21.23
CA ALA A 199 -34.67 26.51 -22.07
C ALA A 199 -33.64 25.70 -21.28
N ALA A 200 -32.84 26.38 -20.46
CA ALA A 200 -31.82 25.68 -19.67
C ALA A 200 -32.47 24.71 -18.70
N LEU A 201 -33.55 25.12 -18.04
CA LEU A 201 -34.20 24.25 -17.07
C LEU A 201 -34.77 23.00 -17.73
N LEU A 202 -35.38 23.15 -18.90
CA LEU A 202 -35.84 21.97 -19.63
C LEU A 202 -34.68 21.06 -20.01
N ALA A 203 -33.59 21.63 -20.48
CA ALA A 203 -32.40 20.83 -20.77
C ALA A 203 -31.87 20.17 -19.50
N GLN A 204 -31.82 20.93 -18.40
CA GLN A 204 -31.42 20.35 -17.13
C GLN A 204 -32.38 19.23 -16.71
N THR A 205 -33.69 19.49 -16.80
CA THR A 205 -34.66 18.48 -16.44
C THR A 205 -34.57 17.25 -17.34
N ALA A 206 -34.41 17.48 -18.64
CA ALA A 206 -34.36 16.36 -19.57
C ALA A 206 -33.17 15.44 -19.28
N LEU A 207 -32.00 16.03 -19.03
CA LEU A 207 -30.83 15.22 -18.73
C LEU A 207 -31.02 14.47 -17.42
N LEU A 208 -31.61 15.12 -16.41
CA LEU A 208 -31.82 14.47 -15.13
C LEU A 208 -32.76 13.27 -15.28
N LEU A 209 -33.84 13.45 -16.04
CA LEU A 209 -34.79 12.36 -16.26
C LEU A 209 -34.19 11.24 -17.08
N HIS A 210 -33.41 11.60 -18.09
CA HIS A 210 -32.76 10.59 -18.93
C HIS A 210 -31.73 9.79 -18.12
N CYS A 211 -30.92 10.48 -17.32
CA CYS A 211 -29.88 9.80 -16.56
C CYS A 211 -30.48 8.86 -15.52
N TYR A 212 -31.49 9.33 -14.78
CA TYR A 212 -32.05 8.52 -13.70
C TYR A 212 -32.94 7.42 -14.23
N LEU A 213 -33.63 7.66 -15.34
CA LEU A 213 -34.47 6.62 -15.91
C LEU A 213 -33.52 5.55 -16.46
N GLY A 214 -32.43 5.96 -17.10
CA GLY A 214 -31.47 4.98 -17.59
C GLY A 214 -30.97 4.07 -16.49
N ILE A 215 -30.78 4.63 -15.30
CA ILE A 215 -30.33 3.87 -14.15
C ILE A 215 -31.44 2.94 -13.68
N VAL A 216 -32.69 3.34 -13.93
CA VAL A 216 -33.83 2.53 -13.53
C VAL A 216 -33.97 1.37 -14.49
N ARG A 217 -33.82 1.65 -15.77
CA ARG A 217 -33.92 0.61 -16.79
C ARG A 217 -32.79 -0.39 -16.68
N ARG A 218 -31.56 0.09 -16.49
CA ARG A 218 -30.42 -0.82 -16.40
C ARG A 218 -30.55 -1.74 -15.20
N VAL A 219 -30.95 -1.19 -14.06
CA VAL A 219 -31.08 -1.95 -12.84
C VAL A 219 -32.31 -2.85 -12.91
N ARG A 220 -33.14 -2.67 -13.92
CA ARG A 220 -34.32 -3.56 -14.05
C ARG A 220 -33.91 -4.77 -14.87
N VAL A 221 -33.09 -4.54 -15.88
CA VAL A 221 -32.62 -5.65 -16.72
C VAL A 221 -31.83 -6.65 -15.89
N SER A 222 -30.94 -6.15 -15.05
CA SER A 222 -30.07 -7.04 -14.27
C SER A 222 -30.88 -7.94 -13.34
N VAL A 223 -31.88 -7.37 -12.66
CA VAL A 223 -32.71 -8.17 -11.76
C VAL A 223 -33.46 -9.24 -12.53
N LYS A 224 -34.02 -8.87 -13.69
CA LYS A 224 -34.74 -9.84 -14.51
C LYS A 224 -33.81 -10.94 -15.00
N ARG A 225 -32.61 -10.56 -15.45
CA ARG A 225 -31.68 -11.55 -15.99
C ARG A 225 -31.24 -12.54 -14.91
N VAL A 226 -30.98 -12.05 -13.70
CA VAL A 226 -30.49 -12.92 -12.63
C VAL A 226 -31.62 -13.64 -11.89
N SER A 227 -32.86 -13.19 -12.04
CA SER A 227 -33.97 -13.84 -11.35
C SER A 227 -34.31 -15.18 -12.00
N VAL A 228 -34.32 -15.24 -13.33
CA VAL A 228 -34.70 -16.44 -14.08
C VAL A 228 -35.81 -17.22 -13.38
N ARG A 280 -39.39 -4.27 0.30
CA ARG A 280 -38.18 -3.42 0.11
C ARG A 280 -38.49 -2.39 -0.96
N LEU A 281 -38.80 -1.18 -0.53
CA LEU A 281 -38.94 -0.09 -1.53
C LEU A 281 -37.56 -0.04 -2.17
N SER A 282 -37.48 -0.37 -3.45
CA SER A 282 -36.19 -0.36 -4.14
C SER A 282 -36.26 0.66 -5.25
N GLY A 283 -35.26 1.51 -5.36
CA GLY A 283 -35.25 2.53 -6.38
C GLY A 283 -36.11 3.72 -6.00
N LEU A 284 -36.46 3.80 -4.71
CA LEU A 284 -37.28 4.89 -4.23
C LEU A 284 -36.51 6.20 -4.27
N SER A 285 -35.24 6.15 -3.87
CA SER A 285 -34.41 7.34 -3.87
C SER A 285 -34.41 8.03 -5.22
N VAL A 286 -34.32 7.24 -6.29
CA VAL A 286 -34.32 7.76 -7.64
C VAL A 286 -35.69 8.27 -8.03
N LEU A 287 -36.72 7.83 -7.32
CA LEU A 287 -38.07 8.27 -7.62
C LEU A 287 -38.35 9.53 -6.86
N LEU A 288 -37.94 9.54 -5.60
CA LEU A 288 -38.14 10.69 -4.73
C LEU A 288 -37.39 11.91 -5.25
N LEU A 289 -36.13 11.71 -5.66
CA LEU A 289 -35.32 12.83 -6.14
C LEU A 289 -35.92 13.43 -7.40
N CYS A 290 -36.33 12.59 -8.34
CA CYS A 290 -36.91 13.05 -9.59
C CYS A 290 -38.29 13.68 -9.45
N CYS A 291 -39.05 13.27 -8.44
CA CYS A 291 -40.39 13.81 -8.24
C CYS A 291 -40.28 15.15 -7.57
N VAL A 292 -39.40 15.24 -6.59
CA VAL A 292 -39.19 16.50 -5.87
C VAL A 292 -38.56 17.54 -6.78
N PHE A 293 -37.57 17.13 -7.58
CA PHE A 293 -36.90 18.08 -8.47
C PHE A 293 -37.89 18.69 -9.45
N LEU A 294 -38.77 17.88 -10.00
CA LEU A 294 -39.77 18.39 -10.94
C LEU A 294 -40.79 19.28 -10.26
N LEU A 295 -41.20 18.92 -9.04
CA LEU A 295 -42.27 19.70 -8.38
C LEU A 295 -41.72 21.03 -7.84
N ALA A 296 -40.43 21.06 -7.46
CA ALA A 296 -39.85 22.32 -7.00
C ALA A 296 -39.39 23.20 -8.15
N THR A 297 -39.01 22.61 -9.29
CA THR A 297 -38.44 23.37 -10.39
C THR A 297 -39.44 23.69 -11.50
N GLN A 298 -40.49 22.87 -11.65
CA GLN A 298 -41.44 23.10 -12.75
C GLN A 298 -42.10 24.46 -12.65
N PRO A 299 -42.63 24.89 -11.50
CA PRO A 299 -43.28 26.21 -11.46
C PRO A 299 -42.38 27.35 -11.90
N LEU A 300 -41.08 27.29 -11.58
CA LEU A 300 -40.18 28.36 -11.97
C LEU A 300 -40.07 28.46 -13.49
N VAL A 301 -39.88 27.32 -14.16
CA VAL A 301 -39.70 27.35 -15.61
C VAL A 301 -40.99 27.76 -16.30
N TRP A 302 -42.14 27.32 -15.78
CA TRP A 302 -43.40 27.75 -16.34
C TRP A 302 -43.57 29.26 -16.23
N VAL A 303 -43.18 29.82 -15.08
CA VAL A 303 -43.19 31.27 -14.93
C VAL A 303 -42.21 31.91 -15.91
N SER A 304 -41.03 31.32 -16.00
CA SER A 304 -40.04 31.96 -16.87
C SER A 304 -40.54 31.91 -18.30
N LEU A 305 -41.11 30.80 -18.73
CA LEU A 305 -41.67 30.70 -20.10
C LEU A 305 -42.80 31.71 -20.24
N ALA A 306 -43.65 31.86 -19.22
CA ALA A 306 -44.72 32.89 -19.27
C ALA A 306 -44.14 34.30 -19.28
N SER A 307 -43.15 34.58 -18.42
CA SER A 307 -42.51 35.91 -18.45
C SER A 307 -41.79 35.93 -19.77
N GLY A 308 -41.60 34.71 -20.30
CA GLY A 308 -40.93 34.58 -21.59
C GLY A 308 -41.58 35.46 -22.62
N PHE A 309 -42.83 35.20 -22.97
CA PHE A 309 -43.43 36.16 -23.88
C PHE A 309 -44.11 37.27 -23.08
N SER A 310 -44.69 38.23 -23.81
CA SER A 310 -45.34 39.38 -23.17
C SER A 310 -46.65 38.91 -22.54
N LEU A 311 -46.59 38.54 -21.26
CA LEU A 311 -47.76 38.12 -20.51
C LEU A 311 -47.67 38.68 -19.10
N PRO A 312 -48.82 38.86 -18.42
CA PRO A 312 -48.78 39.36 -17.04
C PRO A 312 -48.59 38.24 -16.03
N VAL A 313 -47.56 38.34 -15.20
CA VAL A 313 -47.25 37.35 -14.17
C VAL A 313 -47.55 37.99 -12.81
N PRO A 314 -48.56 37.52 -12.08
CA PRO A 314 -48.81 38.09 -10.75
C PRO A 314 -47.60 37.92 -9.84
N TRP A 315 -47.38 38.91 -8.98
CA TRP A 315 -46.24 38.84 -8.06
C TRP A 315 -46.36 37.63 -7.13
N GLY A 316 -47.60 37.20 -6.84
CA GLY A 316 -47.78 36.10 -5.92
C GLY A 316 -47.17 34.80 -6.43
N VAL A 317 -47.43 34.46 -7.69
CA VAL A 317 -46.89 33.21 -8.23
C VAL A 317 -45.38 33.31 -8.38
N GLN A 318 -44.87 34.47 -8.79
CA GLN A 318 -43.44 34.64 -8.93
C GLN A 318 -42.73 34.39 -7.61
N ALA A 319 -43.25 34.95 -6.52
CA ALA A 319 -42.66 34.69 -5.21
C ALA A 319 -42.78 33.22 -4.85
N ALA A 320 -43.95 32.62 -5.09
CA ALA A 320 -44.14 31.21 -4.76
C ALA A 320 -43.20 30.32 -5.58
N SER A 321 -43.03 30.65 -6.87
CA SER A 321 -42.16 29.83 -7.71
C SER A 321 -40.73 29.84 -7.20
N TRP A 322 -40.22 31.00 -6.79
CA TRP A 322 -38.85 31.08 -6.31
C TRP A 322 -38.69 30.36 -4.98
N LEU A 323 -39.72 30.41 -4.12
CA LEU A 323 -39.67 29.69 -2.87
C LEU A 323 -39.44 28.20 -3.11
N LEU A 324 -40.18 27.63 -4.06
CA LEU A 324 -40.03 26.20 -4.36
C LEU A 324 -38.63 25.89 -4.90
N CYS A 325 -38.15 26.71 -5.83
CA CYS A 325 -36.82 26.45 -6.40
C CYS A 325 -35.73 26.57 -5.34
N CYS A 326 -35.81 27.60 -4.49
CA CYS A 326 -34.85 27.72 -3.39
C CYS A 326 -35.08 26.67 -2.32
N ALA A 327 -36.34 26.25 -2.12
CA ALA A 327 -36.62 25.18 -1.17
C ALA A 327 -35.96 23.88 -1.60
N LEU A 328 -35.83 23.64 -2.91
CA LEU A 328 -35.15 22.45 -3.38
C LEU A 328 -33.73 22.37 -2.84
N SER A 329 -33.07 23.51 -2.68
CA SER A 329 -31.73 23.53 -2.13
C SER A 329 -31.71 23.03 -0.69
N ALA A 330 -32.74 23.36 0.09
CA ALA A 330 -32.79 22.88 1.48
C ALA A 330 -32.92 21.37 1.54
N LEU A 331 -33.74 20.78 0.66
CA LEU A 331 -33.94 19.34 0.64
C LEU A 331 -32.91 18.59 -0.17
N ASN A 332 -32.01 19.33 -0.82
CA ASN A 332 -30.94 18.74 -1.62
C ASN A 332 -30.09 17.69 -0.89
N PRO A 333 -29.59 18.02 0.30
CA PRO A 333 -28.75 17.06 1.03
C PRO A 333 -29.49 15.78 1.42
N LEU A 334 -30.77 15.87 1.76
CA LEU A 334 -31.52 14.68 2.12
C LEU A 334 -31.75 13.78 0.91
N LEU A 335 -32.20 14.37 -0.21
CA LEU A 335 -32.50 13.58 -1.39
C LEU A 335 -31.28 12.81 -1.87
N TYR A 336 -30.09 13.39 -1.73
CA TYR A 336 -28.89 12.75 -2.23
C TYR A 336 -28.45 11.59 -1.33
N THR A 337 -28.56 11.75 -0.01
CA THR A 337 -27.88 10.87 0.93
C THR A 337 -28.80 10.14 1.90
N TRP A 338 -30.12 10.32 1.82
CA TRP A 338 -30.99 9.71 2.82
C TRP A 338 -30.92 8.19 2.75
N ARG A 339 -30.88 7.61 1.54
CA ARG A 339 -30.76 6.17 1.40
C ARG A 339 -29.33 5.68 1.42
N ASN A 340 -28.35 6.58 1.31
CA ASN A 340 -26.95 6.18 1.33
C ASN A 340 -26.61 5.56 2.68
N GLU A 341 -26.31 4.26 2.69
CA GLU A 341 -26.04 3.58 3.96
C GLU A 341 -24.81 4.13 4.66
N GLU A 342 -23.75 4.46 3.91
CA GLU A 342 -22.54 4.98 4.54
C GLU A 342 -22.81 6.29 5.25
N PHE A 343 -23.59 7.18 4.63
CA PHE A 343 -23.97 8.42 5.31
C PHE A 343 -24.81 8.13 6.55
N ARG A 344 -25.73 7.16 6.45
CA ARG A 344 -26.53 6.78 7.61
C ARG A 344 -25.65 6.30 8.75
N ARG A 345 -24.67 5.46 8.44
CA ARG A 345 -23.76 4.96 9.48
C ARG A 345 -22.94 6.10 10.06
N SER A 346 -22.48 7.00 9.20
CA SER A 346 -21.70 8.14 9.63
C SER A 346 -22.51 9.03 10.58
N VAL A 347 -23.76 9.28 10.21
CA VAL A 347 -24.64 10.11 11.04
C VAL A 347 -24.89 9.43 12.38
N ARG A 348 -25.13 8.12 12.38
CA ARG A 348 -25.38 7.40 13.62
C ARG A 348 -24.19 7.48 14.55
N SER A 349 -22.99 7.30 14.02
CA SER A 349 -21.79 7.33 14.86
C SER A 349 -21.60 8.69 15.51
N VAL A 350 -21.68 9.76 14.71
CA VAL A 350 -21.50 11.10 15.26
C VAL A 350 -22.69 11.48 16.12
N LEU A 351 -23.90 11.14 15.69
CA LEU A 351 -25.11 11.46 16.45
C LEU A 351 -25.80 10.18 16.92
N PRO A 352 -25.36 9.64 18.07
CA PRO A 352 -25.97 8.43 18.61
N THR B 4 13.96 25.03 -3.00
CA THR B 4 14.73 24.66 -1.83
C THR B 4 15.34 23.27 -2.00
N LEU B 5 14.70 22.43 -2.80
CA LEU B 5 15.19 21.08 -3.04
C LEU B 5 16.43 21.10 -3.93
N SER B 6 17.33 20.17 -3.69
CA SER B 6 18.49 20.01 -4.54
C SER B 6 18.09 19.39 -5.87
N ALA B 7 19.01 19.44 -6.84
CA ALA B 7 18.74 18.87 -8.15
C ALA B 7 18.46 17.38 -8.05
N GLU B 8 19.29 16.67 -7.28
CA GLU B 8 19.06 15.24 -7.07
C GLU B 8 17.79 14.99 -6.28
N ASP B 9 17.46 15.88 -5.32
CA ASP B 9 16.19 15.76 -4.62
C ASP B 9 15.02 15.93 -5.58
N LYS B 10 15.11 16.89 -6.50
CA LYS B 10 14.05 17.08 -7.48
C LYS B 10 13.91 15.86 -8.37
N ALA B 11 15.04 15.26 -8.79
CA ALA B 11 14.98 14.07 -9.62
C ALA B 11 14.35 12.91 -8.86
N ALA B 12 14.69 12.75 -7.58
CA ALA B 12 14.08 11.71 -6.76
C ALA B 12 12.58 11.93 -6.62
N VAL B 13 12.17 13.18 -6.45
CA VAL B 13 10.74 13.49 -6.35
C VAL B 13 10.03 13.14 -7.65
N GLU B 14 10.66 13.45 -8.79
CA GLU B 14 10.07 13.11 -10.08
C GLU B 14 9.94 11.59 -10.24
N ARG B 15 10.96 10.85 -9.81
CA ARG B 15 10.88 9.39 -9.86
C ARG B 15 9.76 8.88 -8.98
N SER B 16 9.61 9.45 -7.79
CA SER B 16 8.52 9.05 -6.90
C SER B 16 7.16 9.35 -7.54
N LYS B 17 7.08 10.46 -8.25
CA LYS B 17 5.85 10.85 -8.94
C LYS B 17 5.53 9.80 -9.99
N MET B 18 6.53 9.40 -10.77
CA MET B 18 6.34 8.38 -11.80
C MET B 18 5.88 7.06 -11.18
N ILE B 19 6.48 6.69 -10.04
CA ILE B 19 6.06 5.48 -9.34
C ILE B 19 4.60 5.60 -8.92
N ASP B 20 4.20 6.78 -8.42
CA ASP B 20 2.82 7.01 -8.02
C ASP B 20 1.88 6.84 -9.21
N ARG B 21 2.27 7.38 -10.36
CA ARG B 21 1.44 7.25 -11.57
C ARG B 21 1.28 5.78 -11.95
N ASN B 22 2.37 5.02 -11.92
CA ASN B 22 2.28 3.60 -12.25
C ASN B 22 1.43 2.84 -11.25
N LEU B 23 1.55 3.18 -9.96
CA LEU B 23 0.71 2.53 -8.95
C LEU B 23 -0.77 2.85 -9.19
N ARG B 24 -1.07 4.10 -9.54
CA ARG B 24 -2.46 4.46 -9.83
C ARG B 24 -2.98 3.68 -11.02
N GLU B 25 -2.17 3.56 -12.08
CA GLU B 25 -2.59 2.80 -13.25
C GLU B 25 -2.85 1.35 -12.90
N ASP B 26 -1.96 0.74 -12.10
CA ASP B 26 -2.14 -0.66 -11.71
C ASP B 26 -3.39 -0.83 -10.86
N GLY B 27 -3.63 0.11 -9.94
CA GLY B 27 -4.84 0.04 -9.13
C GLY B 27 -6.10 0.15 -9.95
N GLU B 28 -6.09 1.06 -10.93
CA GLU B 28 -7.25 1.18 -11.82
C GLU B 28 -7.46 -0.11 -12.61
N LYS B 29 -6.37 -0.72 -13.10
CA LYS B 29 -6.50 -1.98 -13.83
C LYS B 29 -7.07 -3.07 -12.93
N ALA B 30 -6.64 -3.12 -11.68
CA ALA B 30 -7.09 -4.17 -10.77
C ALA B 30 -8.52 -3.94 -10.29
N ALA B 31 -8.96 -2.69 -10.21
CA ALA B 31 -10.30 -2.39 -9.70
C ALA B 31 -11.39 -2.83 -10.66
N ARG B 32 -11.08 -3.04 -11.93
CA ARG B 32 -12.06 -3.46 -12.91
C ARG B 32 -12.02 -4.98 -13.15
N GLU B 33 -11.35 -5.72 -12.27
CA GLU B 33 -11.28 -7.17 -12.37
C GLU B 33 -12.15 -7.81 -11.30
N VAL B 34 -12.71 -8.96 -11.63
CA VAL B 34 -13.64 -9.67 -10.75
C VAL B 34 -12.88 -10.69 -9.93
N LYS B 35 -12.91 -10.53 -8.61
CA LYS B 35 -12.22 -11.45 -7.71
C LYS B 35 -13.23 -12.45 -7.14
N LEU B 36 -12.96 -13.73 -7.35
CA LEU B 36 -13.79 -14.81 -6.85
C LEU B 36 -12.96 -15.68 -5.91
N LEU B 37 -13.57 -16.07 -4.80
CA LEU B 37 -12.94 -16.97 -3.84
C LEU B 37 -13.66 -18.32 -3.92
N LEU B 38 -12.94 -19.37 -4.29
CA LEU B 38 -13.52 -20.68 -4.50
C LEU B 38 -13.41 -21.48 -3.21
N LEU B 39 -14.54 -22.00 -2.73
CA LEU B 39 -14.57 -22.76 -1.49
C LEU B 39 -15.42 -24.01 -1.68
N GLY B 40 -15.13 -25.01 -0.86
CA GLY B 40 -15.84 -26.28 -0.88
C GLY B 40 -15.42 -27.17 0.27
N ALA B 41 -16.30 -28.08 0.67
CA ALA B 41 -15.98 -28.95 1.81
C ALA B 41 -14.84 -29.91 1.48
N GLY B 42 -14.72 -30.32 0.23
CA GLY B 42 -13.73 -31.29 -0.18
C GLY B 42 -13.80 -31.54 -1.67
N GLU B 43 -13.80 -32.81 -2.07
CA GLU B 43 -14.04 -33.15 -3.46
C GLU B 43 -15.51 -32.92 -3.78
N SER B 44 -15.93 -31.66 -3.74
CA SER B 44 -17.33 -31.29 -3.95
C SER B 44 -17.60 -30.79 -5.36
N GLY B 45 -16.62 -30.85 -6.25
CA GLY B 45 -16.78 -30.33 -7.60
C GLY B 45 -15.98 -29.09 -7.91
N LYS B 46 -15.04 -28.71 -7.04
CA LYS B 46 -14.18 -27.56 -7.34
C LYS B 46 -13.37 -27.82 -8.60
N SER B 47 -12.83 -29.04 -8.73
CA SER B 47 -11.95 -29.34 -9.85
C SER B 47 -12.68 -29.19 -11.18
N THR B 48 -13.91 -29.69 -11.27
CA THR B 48 -14.64 -29.60 -12.53
C THR B 48 -14.93 -28.16 -12.91
N ILE B 49 -15.34 -27.33 -11.94
CA ILE B 49 -15.65 -25.94 -12.27
C ILE B 49 -14.38 -25.19 -12.67
N VAL B 50 -13.25 -25.51 -12.04
CA VAL B 50 -11.99 -24.90 -12.48
C VAL B 50 -11.65 -25.37 -13.89
N LYS B 51 -11.93 -26.64 -14.19
CA LYS B 51 -11.65 -27.17 -15.52
C LYS B 51 -12.47 -26.45 -16.57
N GLN B 52 -13.74 -26.16 -16.28
CA GLN B 52 -14.59 -25.49 -17.25
C GLN B 52 -14.01 -24.15 -17.68
N MET B 53 -13.27 -23.49 -16.79
CA MET B 53 -12.64 -22.21 -17.13
C MET B 53 -11.34 -22.44 -17.90
N THR B 182 2.08 -26.26 -3.76
CA THR B 182 1.99 -24.84 -3.42
C THR B 182 0.73 -24.56 -2.61
N GLY B 183 0.48 -23.29 -2.35
CA GLY B 183 -0.68 -22.90 -1.56
C GLY B 183 -1.83 -22.42 -2.42
N ILE B 184 -2.04 -21.10 -2.46
CA ILE B 184 -3.15 -20.53 -3.19
C ILE B 184 -2.92 -20.72 -4.69
N VAL B 185 -3.99 -21.09 -5.41
CA VAL B 185 -3.94 -21.29 -6.85
C VAL B 185 -4.87 -20.26 -7.50
N GLU B 186 -4.31 -19.45 -8.40
CA GLU B 186 -5.06 -18.41 -9.09
C GLU B 186 -5.33 -18.84 -10.53
N THR B 187 -6.60 -18.78 -10.94
CA THR B 187 -7.01 -19.08 -12.31
C THR B 187 -7.61 -17.81 -12.91
N HIS B 188 -7.04 -17.37 -14.04
CA HIS B 188 -7.51 -16.13 -14.70
C HIS B 188 -8.22 -16.50 -16.00
N PHE B 189 -9.42 -15.98 -16.24
CA PHE B 189 -10.13 -16.23 -17.48
C PHE B 189 -10.99 -15.03 -17.85
N THR B 190 -11.13 -14.81 -19.15
CA THR B 190 -11.89 -13.67 -19.67
C THR B 190 -13.19 -14.19 -20.28
N PHE B 191 -14.30 -13.56 -19.90
CA PHE B 191 -15.61 -13.90 -20.44
C PHE B 191 -16.36 -12.61 -20.72
N LYS B 192 -16.75 -12.41 -21.98
CA LYS B 192 -17.50 -11.23 -22.40
C LYS B 192 -16.81 -9.95 -21.92
N ASP B 193 -15.51 -9.87 -22.19
CA ASP B 193 -14.71 -8.69 -21.89
C ASP B 193 -14.59 -8.41 -20.39
N LEU B 194 -14.91 -9.40 -19.56
CA LEU B 194 -14.77 -9.30 -18.11
C LEU B 194 -13.73 -10.30 -17.65
N HIS B 195 -12.73 -9.81 -16.90
CA HIS B 195 -11.62 -10.64 -16.45
C HIS B 195 -11.90 -11.13 -15.04
N PHE B 196 -11.88 -12.44 -14.86
CA PHE B 196 -12.13 -13.08 -13.58
C PHE B 196 -10.83 -13.71 -13.07
N LYS B 197 -10.46 -13.38 -11.84
CA LYS B 197 -9.41 -14.06 -11.10
C LYS B 197 -10.06 -14.86 -9.99
N MET B 198 -9.95 -16.18 -10.06
CA MET B 198 -10.55 -17.08 -9.09
C MET B 198 -9.45 -17.72 -8.27
N PHE B 199 -9.51 -17.56 -6.96
CA PHE B 199 -8.50 -18.05 -6.04
C PHE B 199 -9.03 -19.28 -5.32
N ASP B 200 -8.33 -20.40 -5.47
CA ASP B 200 -8.64 -21.64 -4.78
C ASP B 200 -7.63 -21.83 -3.66
N VAL B 201 -8.12 -22.07 -2.45
CA VAL B 201 -7.30 -22.23 -1.27
C VAL B 201 -7.43 -23.63 -0.67
N GLY B 202 -7.79 -24.61 -1.50
CA GLY B 202 -7.92 -25.97 -1.01
C GLY B 202 -6.61 -26.54 -0.51
N GLY B 203 -5.51 -26.24 -1.20
CA GLY B 203 -4.20 -26.72 -0.77
C GLY B 203 -3.60 -25.98 0.39
N GLN B 204 -4.19 -24.83 0.75
CA GLN B 204 -3.69 -24.03 1.86
C GLN B 204 -4.14 -24.62 3.19
N ARG B 205 -3.58 -25.76 3.56
CA ARG B 205 -3.92 -26.42 4.81
C ARG B 205 -3.37 -25.81 6.09
N SER B 206 -4.21 -25.05 6.79
CA SER B 206 -3.81 -24.40 8.03
C SER B 206 -4.99 -23.70 8.68
N GLU B 207 -4.73 -22.99 9.78
CA GLU B 207 -5.77 -22.27 10.49
C GLU B 207 -6.37 -21.35 9.44
N ARG B 208 -7.69 -21.42 9.28
CA ARG B 208 -8.35 -20.70 8.19
C ARG B 208 -8.62 -19.29 8.70
N LYS B 209 -8.96 -19.14 9.98
CA LYS B 209 -9.27 -17.82 10.51
C LYS B 209 -8.07 -16.89 10.53
N LYS B 210 -6.86 -17.42 10.33
CA LYS B 210 -5.66 -16.61 10.32
C LYS B 210 -5.34 -16.00 8.95
N TRP B 211 -6.02 -16.44 7.89
CA TRP B 211 -5.80 -15.87 6.58
C TRP B 211 -7.08 -15.67 5.77
N ILE B 212 -8.25 -15.99 6.31
CA ILE B 212 -9.49 -15.78 5.56
C ILE B 212 -9.74 -14.30 5.35
N HIS B 213 -9.38 -13.46 6.33
CA HIS B 213 -9.57 -12.03 6.20
C HIS B 213 -8.80 -11.46 5.02
N CYS B 214 -7.79 -12.17 4.52
CA CYS B 214 -7.08 -11.73 3.34
C CYS B 214 -8.00 -11.58 2.13
N PHE B 215 -9.14 -12.26 2.13
CA PHE B 215 -10.07 -12.23 1.02
C PHE B 215 -11.26 -11.33 1.27
N GLU B 216 -11.23 -10.52 2.33
CA GLU B 216 -12.26 -9.52 2.52
C GLU B 216 -12.25 -8.54 1.35
N GLY B 217 -13.40 -8.33 0.74
CA GLY B 217 -13.52 -7.45 -0.40
C GLY B 217 -13.49 -8.12 -1.75
N VAL B 218 -13.38 -9.46 -1.80
CA VAL B 218 -13.49 -10.14 -3.08
C VAL B 218 -14.85 -9.87 -3.68
N THR B 219 -14.92 -9.93 -5.01
CA THR B 219 -16.19 -9.65 -5.68
C THR B 219 -17.25 -10.67 -5.27
N ALA B 220 -16.88 -11.94 -5.19
CA ALA B 220 -17.86 -12.95 -4.80
C ALA B 220 -17.16 -14.20 -4.30
N ILE B 221 -17.95 -15.07 -3.69
CA ILE B 221 -17.50 -16.39 -3.25
C ILE B 221 -18.29 -17.43 -4.03
N ILE B 222 -17.57 -18.40 -4.60
CA ILE B 222 -18.17 -19.52 -5.30
C ILE B 222 -18.05 -20.73 -4.39
N PHE B 223 -19.18 -21.20 -3.86
CA PHE B 223 -19.22 -22.35 -2.96
C PHE B 223 -19.70 -23.56 -3.73
N CYS B 224 -18.93 -24.64 -3.69
CA CYS B 224 -19.25 -25.87 -4.39
C CYS B 224 -19.70 -26.93 -3.41
N VAL B 225 -20.84 -27.55 -3.69
CA VAL B 225 -21.41 -28.59 -2.86
C VAL B 225 -21.74 -29.79 -3.73
N ALA B 226 -21.33 -30.98 -3.31
CA ALA B 226 -21.66 -32.21 -4.02
C ALA B 226 -23.08 -32.61 -3.65
N LEU B 227 -24.01 -32.44 -4.59
CA LEU B 227 -25.40 -32.77 -4.30
C LEU B 227 -25.60 -34.25 -4.00
N SER B 228 -24.65 -35.10 -4.40
CA SER B 228 -24.74 -36.53 -4.16
C SER B 228 -24.09 -36.95 -2.85
N ASP B 229 -23.41 -36.03 -2.16
CA ASP B 229 -22.71 -36.37 -0.91
C ASP B 229 -23.61 -36.19 0.30
N TYR B 230 -24.79 -36.80 0.26
CA TYR B 230 -25.73 -36.74 1.37
C TYR B 230 -25.85 -38.06 2.13
N ASP B 231 -25.66 -39.19 1.45
CA ASP B 231 -25.78 -40.49 2.12
C ASP B 231 -24.72 -40.65 3.21
N LEU B 232 -23.46 -40.40 2.87
CA LEU B 232 -22.35 -40.56 3.80
C LEU B 232 -21.08 -40.13 3.07
N VAL B 233 -19.99 -39.96 3.83
CA VAL B 233 -19.93 -40.18 5.28
C VAL B 233 -18.94 -39.18 5.88
N ASN B 241 -23.79 -37.24 6.12
CA ASN B 241 -22.76 -36.66 6.97
C ASN B 241 -21.88 -35.69 6.17
N ARG B 242 -21.52 -36.09 4.95
CA ARG B 242 -20.74 -35.21 4.08
C ARG B 242 -21.52 -33.94 3.77
N MET B 243 -22.81 -34.07 3.46
CA MET B 243 -23.64 -32.90 3.24
C MET B 243 -23.72 -32.04 4.49
N HIS B 244 -23.73 -32.67 5.68
CA HIS B 244 -23.74 -31.89 6.90
C HIS B 244 -22.44 -31.11 7.08
N GLU B 245 -21.31 -31.71 6.73
CA GLU B 245 -20.04 -30.99 6.78
C GLU B 245 -20.05 -29.82 5.80
N SER B 246 -20.57 -30.04 4.59
CA SER B 246 -20.68 -28.95 3.64
C SER B 246 -21.58 -27.84 4.16
N MET B 247 -22.69 -28.21 4.81
CA MET B 247 -23.58 -27.22 5.39
C MET B 247 -22.89 -26.44 6.50
N LYS B 248 -22.10 -27.13 7.33
CA LYS B 248 -21.37 -26.44 8.40
C LYS B 248 -20.37 -25.45 7.81
N LEU B 249 -19.63 -25.86 6.79
CA LEU B 249 -18.67 -24.95 6.16
C LEU B 249 -19.38 -23.77 5.52
N PHE B 250 -20.52 -24.02 4.86
CA PHE B 250 -21.27 -22.93 4.24
C PHE B 250 -21.77 -21.95 5.29
N ASP B 251 -22.27 -22.47 6.42
CA ASP B 251 -22.72 -21.60 7.50
C ASP B 251 -21.57 -20.78 8.06
N SER B 252 -20.41 -21.40 8.24
CA SER B 252 -19.25 -20.68 8.76
C SER B 252 -18.82 -19.57 7.81
N ILE B 253 -18.79 -19.85 6.50
CA ILE B 253 -18.30 -18.86 5.54
C ILE B 253 -19.32 -17.74 5.34
N CYS B 254 -20.60 -18.10 5.17
CA CYS B 254 -21.61 -17.11 4.85
C CYS B 254 -21.76 -16.09 5.97
N ASN B 255 -21.77 -16.55 7.22
CA ASN B 255 -21.93 -15.68 8.38
C ASN B 255 -20.59 -15.18 8.92
N ASN B 256 -19.51 -15.40 8.18
CA ASN B 256 -18.20 -14.89 8.62
C ASN B 256 -18.23 -13.37 8.71
N LYS B 257 -17.55 -12.83 9.72
CA LYS B 257 -17.53 -11.39 9.92
C LYS B 257 -16.88 -10.66 8.75
N TRP B 258 -16.02 -11.33 7.98
CA TRP B 258 -15.35 -10.70 6.86
C TRP B 258 -16.15 -10.74 5.56
N PHE B 259 -17.27 -11.47 5.54
CA PHE B 259 -18.08 -11.63 4.33
C PHE B 259 -19.51 -11.21 4.58
N THR B 260 -19.71 -10.13 5.32
CA THR B 260 -21.06 -9.65 5.60
C THR B 260 -21.76 -9.18 4.32
N ASP B 261 -21.04 -8.45 3.47
CA ASP B 261 -21.61 -7.90 2.24
C ASP B 261 -21.20 -8.66 1.00
N THR B 262 -20.48 -9.78 1.14
CA THR B 262 -19.97 -10.52 -0.01
C THR B 262 -20.99 -11.57 -0.42
N SER B 263 -21.60 -11.39 -1.57
CA SER B 263 -22.52 -12.38 -2.11
C SER B 263 -21.78 -13.65 -2.46
N ILE B 264 -22.47 -14.78 -2.34
CA ILE B 264 -21.89 -16.09 -2.59
C ILE B 264 -22.67 -16.76 -3.72
N ILE B 265 -21.95 -17.44 -4.61
CA ILE B 265 -22.53 -18.16 -5.73
C ILE B 265 -22.47 -19.65 -5.38
N LEU B 266 -23.64 -20.26 -5.20
CA LEU B 266 -23.73 -21.64 -4.73
C LEU B 266 -23.84 -22.57 -5.93
N PHE B 267 -22.90 -23.50 -6.05
CA PHE B 267 -22.92 -24.52 -7.09
C PHE B 267 -23.29 -25.86 -6.47
N LEU B 268 -24.28 -26.53 -7.05
CA LEU B 268 -24.73 -27.84 -6.61
C LEU B 268 -24.34 -28.84 -7.69
N ASN B 269 -23.14 -29.38 -7.58
CA ASN B 269 -22.56 -30.23 -8.61
C ASN B 269 -23.16 -31.64 -8.54
N LYS B 270 -22.80 -32.47 -9.51
CA LYS B 270 -23.16 -33.88 -9.54
C LYS B 270 -24.68 -34.06 -9.60
N LYS B 271 -25.30 -33.41 -10.58
CA LYS B 271 -26.73 -33.57 -10.78
C LYS B 271 -27.08 -35.00 -11.16
N ASP B 272 -26.33 -35.58 -12.10
CA ASP B 272 -26.69 -36.89 -12.65
C ASP B 272 -26.53 -37.98 -11.59
N LEU B 273 -25.40 -38.01 -10.89
CA LEU B 273 -25.18 -39.06 -9.91
C LEU B 273 -26.20 -38.96 -8.77
N PHE B 274 -26.49 -37.74 -8.33
CA PHE B 274 -27.51 -37.56 -7.31
C PHE B 274 -28.88 -38.01 -7.81
N GLU B 275 -29.18 -37.74 -9.08
CA GLU B 275 -30.46 -38.16 -9.65
C GLU B 275 -30.59 -39.67 -9.65
N GLU B 276 -29.51 -40.37 -10.04
CA GLU B 276 -29.56 -41.83 -10.00
C GLU B 276 -29.65 -42.35 -8.57
N LYS B 277 -28.93 -41.71 -7.63
CA LYS B 277 -28.89 -42.22 -6.27
C LYS B 277 -30.20 -41.98 -5.53
N ILE B 278 -30.94 -40.92 -5.88
CA ILE B 278 -32.14 -40.58 -5.13
C ILE B 278 -33.17 -41.70 -5.26
N LYS B 279 -33.26 -42.32 -6.44
CA LYS B 279 -34.22 -43.39 -6.64
C LYS B 279 -33.86 -44.65 -5.85
N LYS B 280 -32.60 -44.83 -5.48
CA LYS B 280 -32.16 -45.99 -4.72
C LYS B 280 -32.01 -45.69 -3.23
N SER B 281 -31.25 -44.66 -2.88
CA SER B 281 -31.06 -44.28 -1.49
C SER B 281 -31.92 -43.08 -1.16
N PRO B 282 -32.95 -43.21 -0.32
CA PRO B 282 -33.81 -42.06 -0.04
C PRO B 282 -33.07 -40.96 0.70
N LEU B 283 -33.53 -39.72 0.48
CA LEU B 283 -32.93 -38.56 1.11
C LEU B 283 -33.13 -38.53 2.62
N THR B 284 -34.01 -39.37 3.16
CA THR B 284 -34.27 -39.35 4.59
C THR B 284 -33.02 -39.65 5.40
N ILE B 285 -32.01 -40.28 4.79
CA ILE B 285 -30.76 -40.58 5.50
C ILE B 285 -30.13 -39.30 6.01
N CYS B 286 -30.07 -38.27 5.16
CA CYS B 286 -29.44 -37.02 5.52
C CYS B 286 -30.38 -36.08 6.27
N TYR B 287 -31.63 -35.96 5.83
CA TYR B 287 -32.60 -35.05 6.42
C TYR B 287 -33.79 -35.86 6.91
N PRO B 288 -33.78 -36.31 8.16
CA PRO B 288 -34.96 -37.04 8.67
C PRO B 288 -36.23 -36.21 8.68
N GLU B 289 -36.11 -34.89 8.89
CA GLU B 289 -37.27 -34.01 8.90
C GLU B 289 -37.86 -33.82 7.51
N TYR B 290 -37.18 -34.26 6.46
CA TYR B 290 -37.70 -34.09 5.11
C TYR B 290 -39.04 -34.82 4.97
N ALA B 291 -40.02 -34.13 4.38
CA ALA B 291 -41.36 -34.67 4.16
C ALA B 291 -41.77 -34.31 2.74
N GLY B 292 -41.45 -35.19 1.80
CA GLY B 292 -41.80 -34.96 0.41
C GLY B 292 -41.46 -36.17 -0.43
N SER B 293 -41.94 -36.16 -1.66
CA SER B 293 -41.67 -37.26 -2.57
C SER B 293 -40.18 -37.36 -2.84
N ASN B 294 -39.68 -38.60 -2.92
CA ASN B 294 -38.25 -38.86 -3.10
C ASN B 294 -37.93 -38.81 -4.59
N THR B 295 -38.08 -37.61 -5.15
CA THR B 295 -37.79 -37.35 -6.56
C THR B 295 -36.66 -36.32 -6.66
N TYR B 296 -36.04 -36.28 -7.83
CA TYR B 296 -34.88 -35.40 -8.03
C TYR B 296 -35.26 -33.95 -7.82
N GLU B 297 -36.38 -33.51 -8.42
CA GLU B 297 -36.73 -32.10 -8.39
C GLU B 297 -36.99 -31.63 -6.95
N GLU B 298 -37.85 -32.33 -6.23
CA GLU B 298 -38.19 -31.91 -4.88
C GLU B 298 -37.00 -32.03 -3.94
N ALA B 299 -36.22 -33.11 -4.07
CA ALA B 299 -35.05 -33.26 -3.22
C ALA B 299 -34.04 -32.14 -3.46
N ALA B 300 -33.78 -31.81 -4.72
CA ALA B 300 -32.86 -30.72 -5.03
C ALA B 300 -33.39 -29.39 -4.51
N ALA B 301 -34.69 -29.15 -4.66
CA ALA B 301 -35.27 -27.92 -4.14
C ALA B 301 -35.12 -27.85 -2.63
N TYR B 302 -35.34 -28.96 -1.93
CA TYR B 302 -35.20 -28.96 -0.48
C TYR B 302 -33.76 -28.67 -0.07
N ILE B 303 -32.79 -29.30 -0.75
CA ILE B 303 -31.39 -29.06 -0.41
C ILE B 303 -31.03 -27.60 -0.64
N GLN B 304 -31.45 -27.05 -1.78
CA GLN B 304 -31.17 -25.65 -2.07
C GLN B 304 -31.80 -24.74 -1.03
N CYS B 305 -33.04 -25.04 -0.64
CA CYS B 305 -33.71 -24.21 0.36
C CYS B 305 -32.98 -24.26 1.70
N GLN B 306 -32.53 -25.45 2.12
CA GLN B 306 -31.78 -25.56 3.36
C GLN B 306 -30.50 -24.74 3.30
N PHE B 307 -29.76 -24.87 2.19
CA PHE B 307 -28.51 -24.13 2.07
C PHE B 307 -28.74 -22.62 2.06
N GLU B 308 -29.78 -22.18 1.36
CA GLU B 308 -30.06 -20.74 1.31
C GLU B 308 -30.55 -20.21 2.64
N ASP B 309 -31.29 -21.01 3.40
CA ASP B 309 -31.74 -20.61 4.73
C ASP B 309 -30.65 -20.73 5.78
N LEU B 310 -29.53 -21.39 5.46
CA LEU B 310 -28.41 -21.44 6.40
C LEU B 310 -27.81 -20.07 6.66
N ASN B 311 -28.07 -19.07 5.83
CA ASN B 311 -27.51 -17.74 6.00
C ASN B 311 -28.41 -16.88 6.86
N LYS B 312 -27.81 -16.10 7.76
CA LYS B 312 -28.59 -15.28 8.69
C LYS B 312 -28.85 -13.89 8.13
N ARG B 313 -27.81 -13.21 7.65
CA ARG B 313 -27.94 -11.85 7.15
C ARG B 313 -28.46 -11.89 5.72
N LYS B 314 -29.78 -11.97 5.60
CA LYS B 314 -30.44 -12.02 4.30
C LYS B 314 -30.67 -10.64 3.70
N ASP B 315 -30.33 -9.56 4.41
CA ASP B 315 -30.59 -8.21 3.94
C ASP B 315 -29.35 -7.54 3.36
N THR B 316 -28.15 -8.03 3.66
CA THR B 316 -26.91 -7.40 3.20
C THR B 316 -26.17 -8.20 2.15
N LYS B 317 -26.56 -9.45 1.90
CA LYS B 317 -25.90 -10.28 0.90
C LYS B 317 -26.92 -11.18 0.24
N GLU B 318 -26.59 -11.63 -0.97
CA GLU B 318 -27.45 -12.50 -1.76
C GLU B 318 -26.75 -13.83 -2.02
N ILE B 319 -27.54 -14.86 -2.28
CA ILE B 319 -27.03 -16.19 -2.59
C ILE B 319 -27.61 -16.61 -3.93
N TYR B 320 -26.74 -16.82 -4.92
CA TYR B 320 -27.12 -17.29 -6.24
C TYR B 320 -26.83 -18.78 -6.33
N THR B 321 -27.86 -19.58 -6.58
CA THR B 321 -27.76 -21.02 -6.59
C THR B 321 -27.88 -21.55 -8.01
N HIS B 322 -27.02 -22.50 -8.35
CA HIS B 322 -27.03 -23.12 -9.67
C HIS B 322 -26.77 -24.61 -9.50
N PHE B 323 -27.27 -25.39 -10.46
CA PHE B 323 -27.03 -26.83 -10.52
C PHE B 323 -26.10 -27.06 -11.71
N THR B 324 -24.81 -27.15 -11.39
CA THR B 324 -23.75 -27.26 -12.38
C THR B 324 -23.28 -28.60 -12.92
N CYS B 325 -24.09 -29.18 -13.80
CA CYS B 325 -23.69 -30.41 -14.46
C CYS B 325 -23.96 -30.37 -15.96
N ALA B 326 -24.43 -29.23 -16.48
CA ALA B 326 -24.75 -29.14 -17.90
C ALA B 326 -23.51 -29.32 -18.76
N THR B 327 -22.38 -28.73 -18.34
CA THR B 327 -21.15 -28.77 -19.13
C THR B 327 -21.38 -28.19 -20.52
N ASP B 328 -22.23 -27.17 -20.61
CA ASP B 328 -22.56 -26.52 -21.87
C ASP B 328 -22.23 -25.03 -21.83
N THR B 329 -21.21 -24.64 -21.06
CA THR B 329 -20.84 -23.25 -20.87
C THR B 329 -21.91 -22.46 -20.11
N LYS B 330 -22.87 -23.15 -19.49
CA LYS B 330 -23.89 -22.47 -18.71
C LYS B 330 -23.35 -22.03 -17.34
N ASN B 331 -22.38 -22.76 -16.79
CA ASN B 331 -21.84 -22.39 -15.49
C ASN B 331 -21.12 -21.05 -15.55
N VAL B 332 -20.31 -20.83 -16.60
CA VAL B 332 -19.61 -19.57 -16.72
C VAL B 332 -20.59 -18.43 -16.97
N GLN B 333 -21.64 -18.69 -17.76
CA GLN B 333 -22.66 -17.67 -17.99
C GLN B 333 -23.37 -17.30 -16.69
N PHE B 334 -23.70 -18.30 -15.87
CA PHE B 334 -24.34 -18.03 -14.60
C PHE B 334 -23.43 -17.22 -13.68
N VAL B 335 -22.14 -17.58 -13.64
CA VAL B 335 -21.19 -16.83 -12.82
C VAL B 335 -21.11 -15.40 -13.31
N PHE B 336 -21.07 -15.19 -14.63
CA PHE B 336 -21.00 -13.85 -15.19
C PHE B 336 -22.24 -13.04 -14.83
N ASP B 337 -23.42 -13.65 -14.93
CA ASP B 337 -24.65 -12.95 -14.60
C ASP B 337 -24.67 -12.55 -13.13
N ALA B 338 -24.32 -13.48 -12.25
CA ALA B 338 -24.29 -13.17 -10.83
C ALA B 338 -23.27 -12.08 -10.52
N VAL B 339 -22.12 -12.13 -11.17
CA VAL B 339 -21.08 -11.12 -10.93
C VAL B 339 -21.56 -9.75 -11.40
N THR B 340 -22.20 -9.68 -12.57
CA THR B 340 -22.72 -8.40 -13.04
C THR B 340 -23.78 -7.86 -12.10
N ASP B 341 -24.66 -8.73 -11.60
CA ASP B 341 -25.66 -8.27 -10.64
C ASP B 341 -25.00 -7.74 -9.37
N VAL B 342 -23.98 -8.44 -8.88
CA VAL B 342 -23.28 -8.00 -7.67
C VAL B 342 -22.61 -6.65 -7.92
N ILE B 343 -21.98 -6.48 -9.08
CA ILE B 343 -21.29 -5.24 -9.39
C ILE B 343 -22.30 -4.10 -9.48
N ILE B 344 -23.45 -4.33 -10.10
CA ILE B 344 -24.47 -3.30 -10.17
C ILE B 344 -24.97 -2.93 -8.78
N LYS B 345 -25.16 -3.93 -7.93
CA LYS B 345 -25.59 -3.64 -6.55
C LYS B 345 -24.54 -2.81 -5.81
N ASN B 346 -23.26 -3.15 -5.98
CA ASN B 346 -22.20 -2.39 -5.33
C ASN B 346 -22.16 -0.96 -5.85
N ASN B 347 -22.34 -0.78 -7.16
CA ASN B 347 -22.36 0.56 -7.73
C ASN B 347 -23.53 1.37 -7.17
N LEU B 348 -24.68 0.70 -7.02
CA LEU B 348 -25.85 1.36 -6.46
C LEU B 348 -25.56 1.78 -5.03
N LYS B 349 -24.91 0.91 -4.26
CA LYS B 349 -24.56 1.23 -2.88
C LYS B 349 -23.62 2.43 -2.82
N ASP B 350 -22.64 2.47 -3.71
CA ASP B 350 -21.72 3.61 -3.74
C ASP B 350 -22.45 4.89 -4.08
N CYS B 351 -23.38 4.83 -5.03
CA CYS B 351 -24.17 5.99 -5.41
C CYS B 351 -25.26 6.32 -4.38
N GLY B 352 -25.44 5.48 -3.37
CA GLY B 352 -26.50 5.70 -2.40
C GLY B 352 -27.89 5.54 -2.97
N LEU B 353 -28.09 4.52 -3.80
CA LEU B 353 -29.38 4.26 -4.40
C LEU B 353 -29.86 2.86 -4.06
N PHE B 354 -29.23 2.26 -3.06
CA PHE B 354 -29.58 0.91 -2.62
N LEU C 21 2.23 -45.65 24.00
CA LEU C 21 2.46 -45.97 25.40
C LEU C 21 1.99 -44.82 26.29
N ASP C 22 1.05 -45.13 27.20
CA ASP C 22 0.55 -44.12 28.12
C ASP C 22 1.58 -43.77 29.19
N GLN C 23 2.54 -44.65 29.46
CA GLN C 23 3.57 -44.34 30.45
C GLN C 23 4.40 -43.14 30.02
N LEU C 24 4.76 -43.08 28.75
CA LEU C 24 5.52 -41.93 28.25
C LEU C 24 4.72 -40.65 28.38
N ARG C 25 3.41 -40.70 28.09
CA ARG C 25 2.57 -39.53 28.28
C ARG C 25 2.53 -39.11 29.74
N GLN C 26 2.45 -40.08 30.66
CA GLN C 26 2.48 -39.75 32.08
C GLN C 26 3.80 -39.12 32.46
N GLU C 27 4.92 -39.64 31.95
CA GLU C 27 6.23 -39.06 32.26
C GLU C 27 6.32 -37.63 31.76
N ALA C 28 5.79 -37.35 30.58
CA ALA C 28 5.80 -35.98 30.06
C ALA C 28 5.04 -35.04 30.99
N GLU C 29 3.89 -35.48 31.48
CA GLU C 29 3.14 -34.66 32.44
C GLU C 29 3.94 -34.45 33.72
N GLN C 30 4.61 -35.50 34.20
CA GLN C 30 5.44 -35.35 35.39
C GLN C 30 6.58 -34.38 35.15
N LEU C 31 7.23 -34.48 33.99
CA LEU C 31 8.29 -33.52 33.66
C LEU C 31 7.73 -32.11 33.53
N LYS C 32 6.55 -31.97 32.93
CA LYS C 32 5.93 -30.65 32.81
C LYS C 32 5.66 -30.06 34.18
N ASN C 33 5.21 -30.88 35.12
CA ASN C 33 5.04 -30.41 36.49
C ASN C 33 6.37 -30.03 37.12
N GLN C 34 7.42 -30.82 36.85
CA GLN C 34 8.72 -30.56 37.44
C GLN C 34 9.26 -29.20 37.01
N ILE C 35 9.19 -28.90 35.71
CA ILE C 35 9.69 -27.61 35.23
C ILE C 35 8.83 -26.48 35.76
N ARG C 36 7.51 -26.70 35.90
CA ARG C 36 6.65 -25.66 36.43
C ARG C 36 7.06 -25.29 37.85
N ASP C 37 7.36 -26.29 38.68
CA ASP C 37 7.83 -26.00 40.03
C ASP C 37 9.23 -25.40 40.01
N ALA C 38 10.06 -25.79 39.04
CA ALA C 38 11.41 -25.27 38.97
C ALA C 38 11.41 -23.76 38.75
N ARG C 39 10.55 -23.27 37.87
CA ARG C 39 10.45 -21.84 37.62
C ARG C 39 9.53 -21.13 38.61
N LYS C 40 8.83 -21.91 39.42
CA LYS C 40 7.96 -21.36 40.45
C LYS C 40 8.82 -20.95 41.65
N ALA C 41 9.83 -21.75 41.97
CA ALA C 41 10.73 -21.46 43.08
C ALA C 41 11.56 -20.22 42.82
N CYS C 42 11.80 -19.88 41.56
CA CYS C 42 12.56 -18.69 41.19
C CYS C 42 11.70 -17.43 41.20
N ALA C 43 10.39 -17.56 41.41
CA ALA C 43 9.50 -16.40 41.43
C ALA C 43 9.36 -15.93 42.87
N ASP C 44 10.33 -15.11 43.30
CA ASP C 44 10.33 -14.57 44.65
C ASP C 44 9.64 -13.21 44.71
N ALA C 45 9.95 -12.31 43.79
CA ALA C 45 9.35 -10.99 43.73
C ALA C 45 8.97 -10.69 42.28
N THR C 46 7.75 -10.21 42.08
CA THR C 46 7.27 -9.89 40.75
C THR C 46 7.91 -8.60 40.24
N LEU C 47 7.95 -8.45 38.92
CA LEU C 47 8.53 -7.28 38.29
C LEU C 47 7.86 -6.00 38.80
N SER C 48 6.55 -6.07 39.00
CA SER C 48 5.79 -4.93 39.48
C SER C 48 6.32 -4.44 40.82
N GLN C 49 6.64 -5.39 41.70
CA GLN C 49 7.17 -5.07 43.02
C GLN C 49 8.54 -4.41 42.91
N ILE C 50 9.37 -4.93 42.01
CA ILE C 50 10.71 -4.39 41.80
C ILE C 50 10.65 -2.98 41.24
N THR C 51 9.77 -2.75 40.27
CA THR C 51 9.65 -1.47 39.60
C THR C 51 8.57 -0.58 40.21
N ASN C 52 8.19 -0.84 41.46
CA ASN C 52 7.16 -0.03 42.10
C ASN C 52 7.68 1.32 42.59
N ASN C 53 8.99 1.50 42.61
CA ASN C 53 9.58 2.74 43.13
C ASN C 53 9.99 3.72 42.04
N ILE C 54 10.28 3.25 40.83
CA ILE C 54 10.72 4.16 39.77
C ILE C 54 9.57 5.07 39.37
N ASP C 55 9.91 6.27 38.94
CA ASP C 55 8.90 7.23 38.51
C ASP C 55 8.29 6.79 37.18
N PRO C 56 7.00 7.01 36.98
CA PRO C 56 6.39 6.64 35.70
C PRO C 56 6.87 7.54 34.57
N VAL C 57 6.77 7.02 33.35
CA VAL C 57 7.18 7.77 32.17
C VAL C 57 6.29 8.98 31.92
N GLY C 58 5.15 9.06 32.59
CA GLY C 58 4.25 10.19 32.41
C GLY C 58 3.26 9.92 31.28
N ARG C 59 3.19 10.86 30.34
CA ARG C 59 2.30 10.74 29.19
C ARG C 59 3.14 10.85 27.92
N ILE C 60 2.93 9.92 27.00
CA ILE C 60 3.66 9.88 25.74
C ILE C 60 2.72 10.41 24.67
N GLN C 61 2.97 11.64 24.23
CA GLN C 61 2.17 12.28 23.19
C GLN C 61 2.98 12.27 21.90
N MET C 62 2.64 11.35 21.00
CA MET C 62 3.32 11.19 19.72
C MET C 62 2.41 11.67 18.61
N ARG C 63 2.94 12.53 17.74
CA ARG C 63 2.18 13.07 16.63
C ARG C 63 2.61 12.46 15.31
N THR C 64 1.65 12.37 14.38
CA THR C 64 1.90 11.81 13.05
C THR C 64 2.79 12.77 12.29
N ARG C 65 4.08 12.46 12.23
CA ARG C 65 5.02 13.31 11.50
C ARG C 65 4.91 13.12 9.99
N ARG C 66 4.50 11.93 9.54
CA ARG C 66 4.44 11.64 8.11
C ARG C 66 3.35 10.62 7.86
N THR C 67 2.74 10.72 6.67
CA THR C 67 1.76 9.75 6.20
C THR C 67 2.18 9.31 4.81
N LEU C 68 2.20 7.99 4.60
CA LEU C 68 2.61 7.41 3.31
C LEU C 68 1.35 6.95 2.58
N ARG C 69 1.18 7.42 1.35
CA ARG C 69 -0.10 7.30 0.65
C ARG C 69 0.07 6.62 -0.71
N GLY C 70 0.76 5.49 -0.76
CA GLY C 70 0.98 4.81 -2.02
C GLY C 70 0.15 3.56 -2.19
N HIS C 71 -0.02 2.78 -1.12
CA HIS C 71 -0.72 1.51 -1.23
C HIS C 71 -2.20 1.72 -1.47
N LEU C 72 -2.83 0.71 -2.06
CA LEU C 72 -4.25 0.76 -2.40
C LEU C 72 -5.05 -0.36 -1.78
N ALA C 73 -4.44 -1.19 -0.93
CA ALA C 73 -5.14 -2.28 -0.26
C ALA C 73 -4.64 -2.34 1.18
N LYS C 74 -5.00 -3.41 1.88
CA LYS C 74 -4.58 -3.58 3.26
C LYS C 74 -3.07 -3.78 3.33
N ILE C 75 -2.42 -3.05 4.24
CA ILE C 75 -1.00 -3.23 4.51
C ILE C 75 -0.85 -4.28 5.60
N TYR C 76 -0.06 -5.32 5.32
CA TYR C 76 0.08 -6.45 6.22
C TYR C 76 1.42 -6.49 6.95
N ALA C 77 2.45 -5.85 6.42
CA ALA C 77 3.76 -5.91 7.03
C ALA C 77 4.58 -4.68 6.64
N MET C 78 5.48 -4.28 7.53
CA MET C 78 6.47 -3.27 7.24
C MET C 78 7.71 -3.57 8.06
N HIS C 79 8.87 -3.14 7.55
CA HIS C 79 10.12 -3.31 8.29
C HIS C 79 11.01 -2.11 8.02
N TRP C 80 11.64 -1.62 9.08
CA TRP C 80 12.57 -0.51 8.98
C TRP C 80 13.92 -0.99 8.48
N GLY C 81 14.55 -0.18 7.62
CA GLY C 81 15.94 -0.42 7.30
C GLY C 81 16.85 -0.06 8.45
N THR C 82 18.05 -0.64 8.44
CA THR C 82 18.99 -0.41 9.52
C THR C 82 19.46 1.05 9.57
N ASP C 83 19.32 1.79 8.48
CA ASP C 83 19.73 3.18 8.45
C ASP C 83 18.70 4.12 9.07
N SER C 84 17.54 3.58 9.44
CA SER C 84 16.48 4.38 10.04
C SER C 84 16.02 5.49 9.11
N ARG C 85 15.95 5.17 7.82
CA ARG C 85 15.52 6.15 6.81
C ARG C 85 14.70 5.48 5.71
N LEU C 86 15.03 4.23 5.41
CA LEU C 86 14.33 3.48 4.38
C LEU C 86 13.56 2.30 4.97
N LEU C 87 12.27 2.24 4.70
CA LEU C 87 11.43 1.17 5.21
C LEU C 87 10.68 0.54 4.04
N VAL C 88 10.46 -0.77 4.13
CA VAL C 88 9.71 -1.51 3.13
C VAL C 88 8.37 -1.89 3.73
N SER C 89 7.31 -1.73 2.93
CA SER C 89 5.96 -2.05 3.36
C SER C 89 5.34 -3.02 2.37
N ALA C 90 4.55 -3.96 2.90
CA ALA C 90 3.87 -4.97 2.09
C ALA C 90 2.37 -4.81 2.22
N SER C 91 1.69 -4.79 1.08
CA SER C 91 0.24 -4.66 1.02
C SER C 91 -0.29 -5.70 0.04
N GLN C 92 -1.56 -6.07 0.19
CA GLN C 92 -2.18 -7.06 -0.68
C GLN C 92 -2.61 -6.49 -2.02
N ASP C 93 -2.20 -5.28 -2.35
CA ASP C 93 -2.38 -4.77 -3.71
C ASP C 93 -1.32 -5.30 -4.66
N GLY C 94 -0.45 -6.18 -4.17
CA GLY C 94 0.56 -6.81 -5.00
C GLY C 94 1.83 -6.04 -5.16
N LYS C 95 2.13 -5.10 -4.27
CA LYS C 95 3.30 -4.23 -4.40
C LYS C 95 4.09 -4.21 -3.09
N LEU C 96 5.41 -4.27 -3.22
CA LEU C 96 6.32 -3.90 -2.15
C LEU C 96 6.86 -2.52 -2.46
N ILE C 97 6.71 -1.60 -1.51
CA ILE C 97 7.14 -0.21 -1.68
C ILE C 97 8.21 0.09 -0.65
N ILE C 98 9.33 0.63 -1.11
CA ILE C 98 10.40 1.09 -0.23
C ILE C 98 10.30 2.60 -0.15
N TRP C 99 10.05 3.11 1.04
CA TRP C 99 9.82 4.53 1.25
C TRP C 99 11.06 5.20 1.81
N ASP C 100 11.31 6.43 1.37
CA ASP C 100 12.25 7.32 2.04
C ASP C 100 11.46 8.10 3.08
N SER C 101 11.63 7.72 4.36
CA SER C 101 10.77 8.27 5.40
C SER C 101 10.93 9.78 5.52
N TYR C 102 12.16 10.28 5.47
CA TYR C 102 12.39 11.70 5.71
C TYR C 102 11.66 12.57 4.70
N THR C 103 11.70 12.19 3.42
CA THR C 103 11.11 12.98 2.36
C THR C 103 9.81 12.40 1.82
N THR C 104 9.38 11.24 2.31
CA THR C 104 8.16 10.55 1.90
C THR C 104 8.27 9.98 0.48
N ASN C 105 9.38 10.21 -0.21
CA ASN C 105 9.53 9.73 -1.58
C ASN C 105 9.55 8.21 -1.63
N LYS C 106 9.02 7.67 -2.73
CA LYS C 106 9.04 6.23 -2.98
C LYS C 106 10.34 5.89 -3.72
N VAL C 107 11.23 5.15 -3.06
CA VAL C 107 12.47 4.76 -3.71
C VAL C 107 12.24 3.66 -4.73
N HIS C 108 11.47 2.63 -4.34
CA HIS C 108 11.22 1.50 -5.21
C HIS C 108 9.77 1.04 -5.06
N ALA C 109 9.23 0.47 -6.12
CA ALA C 109 7.93 -0.19 -6.11
C ALA C 109 8.09 -1.53 -6.81
N ILE C 110 8.05 -2.60 -6.03
CA ILE C 110 8.34 -3.95 -6.52
C ILE C 110 7.02 -4.68 -6.72
N PRO C 111 6.64 -5.03 -7.94
CA PRO C 111 5.43 -5.85 -8.14
C PRO C 111 5.70 -7.30 -7.79
N LEU C 112 4.79 -7.89 -7.03
CA LEU C 112 4.94 -9.25 -6.54
C LEU C 112 4.14 -10.22 -7.41
N ARG C 113 4.71 -11.40 -7.64
CA ARG C 113 4.02 -12.42 -8.43
C ARG C 113 2.74 -12.89 -7.73
N SER C 114 2.79 -13.02 -6.41
CA SER C 114 1.62 -13.35 -5.61
C SER C 114 1.23 -12.14 -4.77
N SER C 115 -0.03 -11.72 -4.88
CA SER C 115 -0.49 -10.52 -4.18
C SER C 115 -0.89 -10.80 -2.74
N TRP C 116 -0.90 -12.05 -2.31
CA TRP C 116 -1.33 -12.41 -0.97
C TRP C 116 -0.16 -12.39 0.02
N VAL C 117 0.54 -11.26 0.06
CA VAL C 117 1.70 -11.10 0.93
C VAL C 117 1.23 -10.95 2.37
N MET C 118 1.97 -11.56 3.30
CA MET C 118 1.68 -11.45 4.72
C MET C 118 2.87 -11.00 5.55
N THR C 119 4.07 -10.95 4.98
CA THR C 119 5.26 -10.60 5.75
C THR C 119 6.23 -9.83 4.87
N CYS C 120 7.10 -9.06 5.51
CA CYS C 120 8.10 -8.26 4.83
C CYS C 120 9.35 -8.16 5.70
N ALA C 121 10.51 -8.06 5.05
CA ALA C 121 11.78 -7.95 5.76
C ALA C 121 12.78 -7.10 4.98
N TYR C 122 13.71 -6.49 5.69
CA TYR C 122 14.72 -5.65 5.07
C TYR C 122 16.13 -6.04 5.53
N ALA C 123 16.88 -6.68 4.65
CA ALA C 123 18.24 -7.10 4.97
C ALA C 123 19.01 -5.98 5.66
N PRO C 124 19.69 -6.33 6.75
CA PRO C 124 20.48 -5.34 7.51
C PRO C 124 21.45 -4.55 6.64
N SER C 125 22.00 -5.17 5.60
CA SER C 125 22.88 -4.46 4.68
C SER C 125 22.13 -3.52 3.76
N GLY C 126 20.82 -3.73 3.57
CA GLY C 126 20.04 -2.90 2.69
C GLY C 126 20.03 -3.33 1.24
N ASN C 127 20.77 -4.39 0.89
CA ASN C 127 20.84 -4.83 -0.50
C ASN C 127 19.65 -5.68 -0.91
N TYR C 128 18.91 -6.23 0.04
CA TYR C 128 17.82 -7.16 -0.26
C TYR C 128 16.61 -6.86 0.61
N VAL C 129 15.45 -7.26 0.10
CA VAL C 129 14.22 -7.33 0.88
C VAL C 129 13.59 -8.69 0.62
N ALA C 130 12.77 -9.13 1.56
CA ALA C 130 12.12 -10.44 1.48
C ALA C 130 10.61 -10.25 1.50
N CYS C 131 9.91 -11.23 0.91
CA CYS C 131 8.46 -11.17 0.79
C CYS C 131 7.92 -12.59 0.89
N GLY C 132 6.70 -12.71 1.39
CA GLY C 132 6.07 -14.01 1.51
C GLY C 132 4.63 -13.86 1.94
N GLY C 133 3.90 -14.97 1.85
CA GLY C 133 2.49 -14.98 2.21
C GLY C 133 1.81 -16.30 1.93
N LEU C 134 0.62 -16.25 1.33
CA LEU C 134 -0.17 -17.44 1.08
C LEU C 134 0.44 -18.34 0.01
N ASP C 135 1.45 -17.87 -0.72
CA ASP C 135 2.10 -18.69 -1.73
C ASP C 135 3.07 -19.70 -1.14
N ASN C 136 3.31 -19.66 0.17
CA ASN C 136 4.22 -20.56 0.85
C ASN C 136 5.66 -20.39 0.40
N ILE C 137 6.01 -19.23 -0.15
CA ILE C 137 7.31 -18.98 -0.73
C ILE C 137 7.85 -17.67 -0.18
N CYS C 138 9.13 -17.66 0.19
CA CYS C 138 9.82 -16.45 0.62
C CYS C 138 10.66 -15.96 -0.56
N SER C 139 10.25 -14.84 -1.15
CA SER C 139 10.92 -14.28 -2.31
C SER C 139 11.93 -13.24 -1.88
N ILE C 140 13.16 -13.36 -2.36
CA ILE C 140 14.25 -12.44 -2.06
C ILE C 140 14.46 -11.55 -3.28
N TYR C 141 14.45 -10.23 -3.07
CA TYR C 141 14.59 -9.26 -4.14
C TYR C 141 15.90 -8.51 -3.99
N ASN C 142 16.66 -8.40 -5.08
CA ASN C 142 17.92 -7.69 -5.09
C ASN C 142 17.65 -6.22 -5.39
N LEU C 143 17.92 -5.35 -4.41
CA LEU C 143 17.63 -3.93 -4.55
C LEU C 143 18.74 -3.16 -5.25
N LYS C 144 19.94 -3.72 -5.37
CA LYS C 144 21.10 -3.01 -5.90
C LYS C 144 21.70 -3.85 -7.03
N THR C 145 21.21 -3.64 -8.24
CA THR C 145 21.67 -4.33 -9.43
C THR C 145 22.20 -3.31 -10.43
N ARG C 146 23.10 -3.75 -11.29
CA ARG C 146 23.66 -2.88 -12.32
C ARG C 146 22.62 -2.49 -13.37
N GLU C 147 21.48 -3.18 -13.42
CA GLU C 147 20.44 -2.87 -14.39
C GLU C 147 19.51 -1.76 -13.93
N GLY C 148 19.60 -1.33 -12.67
CA GLY C 148 18.79 -0.25 -12.17
C GLY C 148 17.38 -0.62 -11.77
N ASN C 149 17.02 -1.90 -11.83
CA ASN C 149 15.70 -2.36 -11.46
C ASN C 149 15.81 -3.46 -10.43
N VAL C 150 14.80 -3.54 -9.56
CA VAL C 150 14.77 -4.59 -8.55
C VAL C 150 14.43 -5.91 -9.21
N ARG C 151 15.18 -6.96 -8.86
CA ARG C 151 15.04 -8.27 -9.47
C ARG C 151 14.84 -9.31 -8.38
N VAL C 152 14.13 -10.39 -8.73
CA VAL C 152 13.94 -11.49 -7.80
C VAL C 152 15.25 -12.27 -7.70
N SER C 153 15.84 -12.28 -6.51
CA SER C 153 17.10 -12.98 -6.31
C SER C 153 16.87 -14.48 -6.16
N ARG C 154 16.00 -14.87 -5.22
CA ARG C 154 15.71 -16.27 -5.00
C ARG C 154 14.25 -16.42 -4.58
N GLU C 155 13.73 -17.63 -4.76
CA GLU C 155 12.41 -18.00 -4.29
C GLU C 155 12.57 -19.23 -3.40
N LEU C 156 12.42 -19.04 -2.09
CA LEU C 156 12.65 -20.11 -1.12
C LEU C 156 11.37 -20.92 -0.96
N ALA C 157 11.41 -22.17 -1.39
CA ALA C 157 10.27 -23.07 -1.32
C ALA C 157 10.59 -24.25 -0.41
N GLY C 158 9.54 -24.81 0.19
CA GLY C 158 9.72 -25.91 1.12
C GLY C 158 8.72 -25.87 2.26
N HIS C 159 8.14 -24.71 2.52
CA HIS C 159 7.08 -24.59 3.51
C HIS C 159 5.77 -25.06 2.92
N THR C 160 4.99 -25.80 3.72
CA THR C 160 3.69 -26.29 3.30
C THR C 160 2.55 -25.39 3.75
N GLY C 161 2.87 -24.26 4.40
CA GLY C 161 1.86 -23.32 4.83
C GLY C 161 2.30 -21.90 4.52
N TYR C 162 1.35 -20.97 4.66
CA TYR C 162 1.61 -19.58 4.33
C TYR C 162 2.83 -19.06 5.07
N LEU C 163 3.46 -18.01 4.54
CA LEU C 163 4.64 -17.41 5.15
C LEU C 163 4.17 -16.38 6.17
N SER C 164 4.43 -16.65 7.45
CA SER C 164 3.97 -15.77 8.51
C SER C 164 4.95 -14.63 8.75
N CYS C 165 6.23 -14.94 8.84
CA CYS C 165 7.24 -13.94 9.14
C CYS C 165 8.56 -14.36 8.51
N CYS C 166 9.44 -13.38 8.31
CA CYS C 166 10.78 -13.62 7.81
C CYS C 166 11.69 -12.52 8.31
N ARG C 167 12.93 -12.90 8.62
CA ARG C 167 13.91 -11.93 9.11
C ARG C 167 15.29 -12.34 8.63
N PHE C 168 15.98 -11.42 7.94
CA PHE C 168 17.33 -11.67 7.47
C PHE C 168 18.29 -11.81 8.65
N LEU C 169 19.14 -12.83 8.60
CA LEU C 169 20.30 -12.89 9.47
C LEU C 169 21.48 -12.13 8.86
N ASP C 170 21.68 -12.29 7.56
CA ASP C 170 22.66 -11.56 6.79
C ASP C 170 22.22 -11.61 5.33
N ASP C 171 23.11 -11.22 4.42
CA ASP C 171 22.76 -11.23 3.00
C ASP C 171 22.52 -12.64 2.48
N ASN C 172 22.98 -13.68 3.18
CA ASN C 172 22.88 -15.05 2.69
C ASN C 172 22.07 -15.97 3.60
N GLN C 173 21.52 -15.46 4.71
CA GLN C 173 20.74 -16.27 5.63
C GLN C 173 19.45 -15.55 6.00
N ILE C 174 18.37 -16.32 6.13
CA ILE C 174 17.08 -15.77 6.49
C ILE C 174 16.30 -16.84 7.22
N VAL C 175 15.61 -16.44 8.30
CA VAL C 175 14.74 -17.33 9.06
C VAL C 175 13.29 -16.96 8.74
N THR C 176 12.50 -17.95 8.37
CA THR C 176 11.12 -17.74 7.97
C THR C 176 10.18 -18.48 8.92
N SER C 177 9.06 -17.84 9.21
CA SER C 177 7.98 -18.44 9.98
C SER C 177 6.83 -18.80 9.05
N SER C 178 6.25 -19.98 9.25
CA SER C 178 5.24 -20.50 8.36
C SER C 178 4.05 -21.03 9.15
N GLY C 179 2.89 -21.00 8.50
CA GLY C 179 1.68 -21.54 9.09
C GLY C 179 1.61 -23.05 9.13
N ASP C 180 2.61 -23.74 8.60
CA ASP C 180 2.69 -25.19 8.65
C ASP C 180 3.33 -25.68 9.95
N THR C 181 3.34 -24.86 10.99
CA THR C 181 3.76 -25.18 12.35
C THR C 181 5.28 -25.18 12.51
N THR C 182 6.05 -24.92 11.46
CA THR C 182 7.50 -25.02 11.52
C THR C 182 8.13 -23.68 11.16
N CYS C 183 9.36 -23.49 11.64
CA CYS C 183 10.24 -22.42 11.23
C CYS C 183 11.46 -23.02 10.54
N ALA C 184 12.08 -22.25 9.66
CA ALA C 184 13.20 -22.74 8.88
C ALA C 184 14.27 -21.66 8.76
N LEU C 185 15.53 -22.11 8.66
CA LEU C 185 16.67 -21.26 8.36
C LEU C 185 17.17 -21.63 6.97
N TRP C 186 17.29 -20.64 6.10
CA TRP C 186 17.59 -20.88 4.69
C TRP C 186 18.99 -20.41 4.33
N ASP C 187 19.55 -21.06 3.32
CA ASP C 187 20.76 -20.61 2.65
C ASP C 187 20.32 -20.02 1.31
N ILE C 188 20.36 -18.69 1.21
CA ILE C 188 19.75 -18.02 0.07
C ILE C 188 20.44 -18.43 -1.24
N GLU C 189 21.77 -18.49 -1.23
CA GLU C 189 22.48 -18.78 -2.48
C GLU C 189 22.08 -20.14 -3.04
N THR C 190 21.96 -21.15 -2.18
CA THR C 190 21.50 -22.46 -2.60
C THR C 190 19.99 -22.60 -2.56
N GLY C 191 19.30 -21.81 -1.74
CA GLY C 191 17.85 -21.88 -1.68
C GLY C 191 17.31 -23.08 -0.94
N GLN C 192 18.13 -23.71 -0.10
CA GLN C 192 17.74 -24.91 0.62
C GLN C 192 17.56 -24.61 2.10
N GLN C 193 16.68 -25.38 2.74
CA GLN C 193 16.46 -25.27 4.18
C GLN C 193 17.66 -25.84 4.91
N THR C 194 18.55 -24.96 5.38
CA THR C 194 19.70 -25.43 6.16
C THR C 194 19.26 -26.11 7.44
N THR C 195 18.28 -25.53 8.13
CA THR C 195 17.76 -26.08 9.37
C THR C 195 16.26 -25.90 9.41
N THR C 196 15.58 -26.83 10.10
CA THR C 196 14.14 -26.76 10.29
C THR C 196 13.85 -26.84 11.79
N PHE C 197 12.99 -25.96 12.27
CA PHE C 197 12.62 -25.87 13.68
C PHE C 197 11.19 -26.37 13.82
N THR C 198 11.03 -27.58 14.37
CA THR C 198 9.73 -28.25 14.45
C THR C 198 9.45 -28.60 15.90
N GLY C 199 8.88 -27.66 16.64
CA GLY C 199 8.45 -27.92 18.01
C GLY C 199 7.00 -27.54 18.25
N HIS C 200 6.49 -26.60 17.46
CA HIS C 200 5.16 -26.05 17.71
C HIS C 200 4.08 -27.06 17.33
N THR C 201 2.86 -26.77 17.77
CA THR C 201 1.69 -27.57 17.42
C THR C 201 0.63 -26.76 16.69
N GLY C 202 0.86 -25.45 16.48
CA GLY C 202 -0.05 -24.64 15.72
C GLY C 202 0.71 -23.73 14.78
N ASP C 203 -0.04 -23.00 13.96
CA ASP C 203 0.59 -22.10 13.00
C ASP C 203 1.49 -21.10 13.71
N VAL C 204 2.69 -20.92 13.18
CA VAL C 204 3.63 -19.94 13.72
C VAL C 204 3.34 -18.61 13.05
N MET C 205 3.06 -17.59 13.86
CA MET C 205 2.59 -16.30 13.35
C MET C 205 3.65 -15.22 13.36
N SER C 206 4.56 -15.21 14.32
CA SER C 206 5.52 -14.12 14.48
C SER C 206 6.92 -14.70 14.62
N LEU C 207 7.90 -13.81 14.61
CA LEU C 207 9.31 -14.19 14.61
C LEU C 207 10.14 -12.97 14.99
N SER C 208 11.13 -13.17 15.85
CA SER C 208 11.99 -12.08 16.29
C SER C 208 13.40 -12.61 16.50
N LEU C 209 14.36 -11.99 15.81
CA LEU C 209 15.76 -12.34 15.96
C LEU C 209 16.34 -11.63 17.17
N ALA C 210 17.24 -12.31 17.88
CA ALA C 210 17.93 -11.69 19.00
C ALA C 210 18.92 -10.66 18.50
N PRO C 211 19.33 -9.72 19.35
CA PRO C 211 20.31 -8.71 18.91
C PRO C 211 21.58 -9.32 18.35
N ASP C 212 22.06 -10.42 18.92
CA ASP C 212 23.26 -11.08 18.42
C ASP C 212 22.97 -12.08 17.32
N THR C 213 21.70 -12.34 17.02
CA THR C 213 21.29 -13.24 15.94
C THR C 213 21.75 -14.68 16.19
N ARG C 214 22.04 -15.00 17.45
CA ARG C 214 22.49 -16.33 17.81
C ARG C 214 21.30 -17.26 18.05
N LEU C 215 20.13 -16.67 18.20
CA LEU C 215 18.90 -17.44 18.43
C LEU C 215 17.71 -16.58 18.02
N PHE C 216 16.50 -17.06 18.31
CA PHE C 216 15.29 -16.33 17.96
C PHE C 216 14.07 -16.94 18.64
N VAL C 217 13.04 -16.12 18.83
CA VAL C 217 11.81 -16.58 19.46
C VAL C 217 10.63 -16.49 18.49
N SER C 218 9.78 -17.51 18.53
CA SER C 218 8.60 -17.57 17.69
C SER C 218 7.33 -17.78 18.49
N GLY C 219 6.26 -17.11 18.09
CA GLY C 219 4.95 -17.28 18.68
C GLY C 219 4.01 -17.93 17.67
N ALA C 220 3.20 -18.87 18.14
CA ALA C 220 2.35 -19.67 17.28
C ALA C 220 0.91 -19.68 17.81
N CYS C 221 0.03 -20.30 17.03
CA CYS C 221 -1.38 -20.38 17.38
C CYS C 221 -1.63 -21.34 18.55
N ASP C 222 -0.64 -22.10 18.97
CA ASP C 222 -0.78 -22.96 20.15
C ASP C 222 -0.64 -22.19 21.45
N ALA C 223 -0.63 -20.85 21.39
CA ALA C 223 -0.59 -19.99 22.58
C ALA C 223 0.71 -20.17 23.36
N SER C 224 1.79 -20.55 22.68
CA SER C 224 3.09 -20.72 23.31
C SER C 224 4.16 -20.05 22.47
N ALA C 225 5.20 -19.59 23.14
CA ALA C 225 6.38 -19.02 22.50
C ALA C 225 7.58 -19.92 22.78
N LYS C 226 8.40 -20.13 21.75
CA LYS C 226 9.53 -21.03 21.83
C LYS C 226 10.81 -20.31 21.45
N LEU C 227 11.88 -20.59 22.19
CA LEU C 227 13.20 -20.02 21.93
C LEU C 227 14.05 -21.06 21.20
N TRP C 228 14.58 -20.69 20.05
CA TRP C 228 15.34 -21.60 19.20
C TRP C 228 16.80 -21.16 19.11
N ASP C 229 17.68 -22.14 18.98
CA ASP C 229 19.08 -21.90 18.69
C ASP C 229 19.32 -22.11 17.20
N VAL C 230 19.72 -21.05 16.51
CA VAL C 230 19.89 -21.15 15.06
C VAL C 230 21.06 -22.07 14.72
N ARG C 231 22.12 -22.03 15.51
CA ARG C 231 23.28 -22.86 15.22
C ARG C 231 22.95 -24.34 15.37
N GLU C 232 22.19 -24.71 16.40
CA GLU C 232 21.90 -26.11 16.69
C GLU C 232 20.52 -26.55 16.27
N GLY C 233 19.62 -25.60 16.05
CA GLY C 233 18.26 -25.91 15.64
C GLY C 233 17.55 -26.78 16.65
N MET C 234 17.27 -26.22 17.82
CA MET C 234 16.59 -26.96 18.88
C MET C 234 15.93 -26.01 19.88
N CYS C 235 14.65 -26.23 20.14
CA CYS C 235 13.90 -25.39 21.07
C CYS C 235 14.56 -25.38 22.44
N ARG C 236 15.24 -24.27 22.76
CA ARG C 236 15.92 -24.12 24.03
C ARG C 236 14.92 -23.97 25.18
N GLN C 237 13.85 -23.20 24.96
CA GLN C 237 12.88 -22.93 26.01
C GLN C 237 11.50 -22.79 25.39
N THR C 238 10.48 -23.07 26.20
CA THR C 238 9.09 -22.90 25.81
C THR C 238 8.40 -22.03 26.84
N PHE C 239 7.61 -21.06 26.38
CA PHE C 239 6.94 -20.11 27.25
C PHE C 239 5.44 -20.17 27.00
N THR C 240 4.68 -20.27 28.09
CA THR C 240 3.23 -20.32 28.03
C THR C 240 2.65 -19.23 28.93
N GLY C 241 1.33 -19.11 28.92
CA GLY C 241 0.66 -18.10 29.72
C GLY C 241 -0.46 -17.43 28.95
N HIS C 242 -0.29 -17.31 27.64
CA HIS C 242 -1.34 -16.75 26.81
C HIS C 242 -2.50 -17.71 26.69
N GLU C 243 -3.69 -17.15 26.43
CA GLU C 243 -4.91 -17.93 26.31
C GLU C 243 -5.39 -18.09 24.87
N SER C 244 -4.73 -17.46 23.90
CA SER C 244 -5.14 -17.55 22.51
C SER C 244 -3.89 -17.48 21.63
N ASP C 245 -4.11 -17.36 20.32
CA ASP C 245 -3.01 -17.36 19.38
C ASP C 245 -2.11 -16.15 19.61
N ILE C 246 -0.80 -16.37 19.56
CA ILE C 246 0.19 -15.30 19.62
C ILE C 246 0.43 -14.81 18.21
N ASN C 247 0.13 -13.53 17.96
CA ASN C 247 0.27 -12.95 16.63
C ASN C 247 1.54 -12.14 16.46
N ALA C 248 2.09 -11.59 17.55
CA ALA C 248 3.25 -10.73 17.49
C ALA C 248 4.25 -11.14 18.55
N ILE C 249 5.53 -10.93 18.26
CA ILE C 249 6.60 -11.22 19.20
C ILE C 249 7.76 -10.29 18.90
N CYS C 250 8.41 -9.80 19.95
CA CYS C 250 9.55 -8.90 19.79
C CYS C 250 10.44 -8.90 21.03
N PHE C 251 11.65 -9.41 20.84
CA PHE C 251 12.73 -9.49 21.82
C PHE C 251 13.04 -8.14 22.48
N PHE C 252 13.58 -8.16 23.70
CA PHE C 252 13.94 -6.90 24.34
C PHE C 252 15.26 -6.37 23.80
N PRO C 253 15.45 -5.00 23.91
CA PRO C 253 16.75 -4.53 23.38
C PRO C 253 17.93 -5.27 24.00
N ASN C 254 17.83 -5.57 25.29
CA ASN C 254 18.89 -6.28 25.99
C ASN C 254 19.13 -7.67 25.39
N GLY C 255 18.09 -8.27 24.83
CA GLY C 255 18.17 -9.63 24.32
C GLY C 255 17.90 -10.71 25.34
N ASN C 256 17.68 -10.34 26.60
CA ASN C 256 17.41 -11.29 27.67
C ASN C 256 15.92 -11.44 27.95
N ALA C 257 15.06 -10.82 27.16
CA ALA C 257 13.62 -10.91 27.35
C ALA C 257 12.94 -10.61 26.03
N PHE C 258 11.65 -10.95 25.96
CA PHE C 258 10.86 -10.69 24.76
C PHE C 258 9.42 -10.48 25.18
N ALA C 259 8.65 -9.85 24.29
CA ALA C 259 7.25 -9.54 24.52
C ALA C 259 6.41 -10.19 23.43
N THR C 260 5.23 -10.67 23.81
CA THR C 260 4.32 -11.37 22.90
C THR C 260 2.95 -10.69 22.93
N GLY C 261 2.35 -10.57 21.75
CA GLY C 261 0.98 -10.09 21.65
C GLY C 261 0.08 -11.16 21.07
N SER C 262 -1.05 -11.42 21.72
CA SER C 262 -1.92 -12.53 21.37
C SER C 262 -3.34 -12.04 21.13
N ASP C 263 -4.21 -12.98 20.77
CA ASP C 263 -5.61 -12.67 20.47
C ASP C 263 -6.46 -12.46 21.71
N ASP C 264 -5.93 -12.74 22.91
CA ASP C 264 -6.68 -12.58 24.14
C ASP C 264 -6.56 -11.16 24.70
N ALA C 265 -6.26 -10.17 23.86
CA ALA C 265 -6.20 -8.77 24.25
C ALA C 265 -5.13 -8.50 25.29
N THR C 266 -4.08 -9.31 25.33
CA THR C 266 -3.05 -9.20 26.35
C THR C 266 -1.68 -9.28 25.70
N CYS C 267 -0.77 -8.45 26.21
CA CYS C 267 0.66 -8.58 25.93
C CYS C 267 1.38 -8.91 27.23
N ARG C 268 2.35 -9.81 27.12
CA ARG C 268 3.13 -10.24 28.27
C ARG C 268 4.62 -10.22 27.96
N LEU C 269 5.42 -10.02 29.00
CA LEU C 269 6.86 -9.99 28.87
C LEU C 269 7.45 -11.24 29.51
N PHE C 270 8.25 -11.97 28.74
CA PHE C 270 8.92 -13.17 29.21
C PHE C 270 10.42 -12.92 29.28
N ASP C 271 11.05 -13.47 30.32
CA ASP C 271 12.49 -13.35 30.51
C ASP C 271 13.14 -14.72 30.33
N LEU C 272 14.16 -14.77 29.48
CA LEU C 272 14.81 -16.04 29.17
C LEU C 272 15.46 -16.65 30.40
N ARG C 273 16.26 -15.86 31.12
CA ARG C 273 16.98 -16.39 32.28
C ARG C 273 16.02 -16.82 33.38
N ALA C 274 15.00 -16.02 33.67
CA ALA C 274 14.00 -16.42 34.65
C ALA C 274 13.12 -17.54 34.12
N ASP C 275 13.00 -17.67 32.79
CA ASP C 275 12.26 -18.77 32.16
C ASP C 275 10.78 -18.75 32.51
N GLN C 276 10.20 -17.56 32.68
CA GLN C 276 8.78 -17.46 33.00
C GLN C 276 8.30 -16.06 32.67
N GLU C 277 6.98 -15.87 32.73
CA GLU C 277 6.38 -14.58 32.45
C GLU C 277 6.73 -13.58 33.54
N LEU C 278 7.01 -12.34 33.13
CA LEU C 278 7.38 -11.28 34.05
C LEU C 278 6.25 -10.27 34.27
N MET C 279 5.54 -9.89 33.22
CA MET C 279 4.53 -8.85 33.32
C MET C 279 3.42 -9.13 32.33
N THR C 280 2.26 -8.53 32.60
CA THR C 280 1.09 -8.64 31.74
C THR C 280 0.57 -7.24 31.45
N TYR C 281 0.38 -6.93 30.17
CA TYR C 281 -0.08 -5.62 29.73
C TYR C 281 -1.48 -5.78 29.17
N SER C 282 -2.49 -5.44 29.97
CA SER C 282 -3.88 -5.57 29.56
C SER C 282 -4.71 -4.51 30.28
N HIS C 283 -5.88 -4.23 29.72
CA HIS C 283 -6.82 -3.30 30.32
C HIS C 283 -8.22 -3.87 30.19
N ASP C 284 -9.10 -3.47 31.11
CA ASP C 284 -10.47 -3.98 31.11
C ASP C 284 -11.21 -3.58 29.84
N ASN C 285 -10.97 -2.37 29.35
CA ASN C 285 -11.68 -1.85 28.19
C ASN C 285 -11.07 -2.31 26.86
N ILE C 286 -10.00 -3.10 26.89
CA ILE C 286 -9.39 -3.65 25.69
C ILE C 286 -9.84 -5.11 25.61
N ILE C 287 -10.57 -5.44 24.54
CA ILE C 287 -11.12 -6.77 24.36
C ILE C 287 -10.82 -7.31 22.96
N CYS C 288 -9.95 -6.64 22.22
CA CYS C 288 -9.59 -7.06 20.88
C CYS C 288 -8.19 -7.68 20.89
N GLY C 289 -7.76 -8.18 19.73
CA GLY C 289 -6.49 -8.84 19.60
C GLY C 289 -5.36 -7.87 19.31
N ILE C 290 -4.13 -8.33 19.56
CA ILE C 290 -2.92 -7.57 19.27
C ILE C 290 -2.31 -8.09 17.98
N THR C 291 -2.02 -7.18 17.06
CA THR C 291 -1.49 -7.55 15.75
C THR C 291 0.01 -7.39 15.64
N SER C 292 0.61 -6.46 16.38
CA SER C 292 2.04 -6.19 16.28
C SER C 292 2.55 -5.75 17.63
N VAL C 293 3.86 -5.91 17.82
CA VAL C 293 4.51 -5.55 19.07
C VAL C 293 5.93 -5.08 18.75
N SER C 294 6.39 -4.07 19.48
CA SER C 294 7.76 -3.59 19.33
C SER C 294 8.15 -2.85 20.60
N PHE C 295 9.46 -2.69 20.79
CA PHE C 295 10.03 -2.03 21.95
C PHE C 295 10.68 -0.71 21.53
N SER C 296 10.86 0.16 22.52
CA SER C 296 11.64 1.36 22.33
C SER C 296 13.13 1.04 22.37
N LYS C 297 13.95 2.00 21.95
CA LYS C 297 15.39 1.78 21.94
C LYS C 297 15.90 1.40 23.33
N SER C 298 15.37 2.05 24.37
CA SER C 298 15.74 1.73 25.73
C SER C 298 14.96 0.54 26.29
N GLY C 299 13.90 0.11 25.63
CA GLY C 299 13.06 -0.95 26.14
C GLY C 299 12.07 -0.51 27.20
N ARG C 300 12.00 0.78 27.50
CA ARG C 300 11.08 1.26 28.52
C ARG C 300 9.64 1.29 28.04
N LEU C 301 9.43 1.46 26.73
CA LEU C 301 8.10 1.52 26.15
C LEU C 301 7.84 0.30 25.29
N LEU C 302 6.65 -0.28 25.45
CA LEU C 302 6.21 -1.40 24.63
C LEU C 302 5.05 -0.93 23.77
N LEU C 303 5.26 -0.89 22.47
CA LEU C 303 4.26 -0.42 21.52
C LEU C 303 3.58 -1.62 20.88
N ALA C 304 2.24 -1.65 20.94
CA ALA C 304 1.47 -2.77 20.44
C ALA C 304 0.34 -2.26 19.55
N GLY C 305 0.20 -2.87 18.38
CA GLY C 305 -0.93 -2.57 17.51
C GLY C 305 -2.13 -3.44 17.86
N TYR C 306 -3.32 -2.90 17.62
CA TYR C 306 -4.57 -3.52 18.03
C TYR C 306 -5.57 -3.51 16.89
N ASP C 307 -6.66 -4.25 17.08
CA ASP C 307 -7.76 -4.20 16.12
C ASP C 307 -8.67 -3.02 16.39
N ASP C 308 -8.39 -2.26 17.45
CA ASP C 308 -9.14 -1.06 17.77
C ASP C 308 -8.87 0.04 16.75
N PHE C 309 -7.91 -0.20 15.86
CA PHE C 309 -7.42 0.72 14.83
C PHE C 309 -6.41 1.69 15.40
N ASN C 310 -6.09 1.63 16.70
CA ASN C 310 -5.12 2.53 17.31
C ASN C 310 -4.07 1.73 18.07
N CYS C 311 -2.82 2.12 17.91
CA CYS C 311 -1.72 1.51 18.64
C CYS C 311 -1.70 2.01 20.09
N ASN C 312 -1.13 1.18 20.96
CA ASN C 312 -1.10 1.46 22.39
C ASN C 312 0.35 1.46 22.87
N VAL C 313 0.69 2.43 23.71
CA VAL C 313 2.03 2.56 24.26
C VAL C 313 1.96 2.15 25.73
N TRP C 314 2.74 1.15 26.10
CA TRP C 314 2.77 0.61 27.45
C TRP C 314 4.10 0.90 28.11
N ASP C 315 4.06 1.23 29.40
CA ASP C 315 5.28 1.34 30.21
C ASP C 315 5.73 -0.08 30.52
N ALA C 316 6.76 -0.53 29.82
CA ALA C 316 7.15 -1.94 29.91
C ALA C 316 7.53 -2.34 31.32
N LEU C 317 7.97 -1.39 32.14
CA LEU C 317 8.40 -1.71 33.50
C LEU C 317 7.28 -1.61 34.52
N LYS C 318 6.25 -0.81 34.25
CA LYS C 318 5.16 -0.61 35.19
C LYS C 318 3.82 -1.13 34.69
N ALA C 319 3.74 -1.57 33.44
CA ALA C 319 2.50 -2.11 32.88
C ALA C 319 1.38 -1.08 32.91
N ASP C 320 1.73 0.20 32.78
CA ASP C 320 0.76 1.28 32.72
C ASP C 320 0.71 1.85 31.31
N ARG C 321 -0.50 2.01 30.79
CA ARG C 321 -0.68 2.59 29.47
C ARG C 321 -0.21 4.04 29.48
N ALA C 322 0.83 4.34 28.71
CA ALA C 322 1.44 5.66 28.71
C ALA C 322 0.89 6.57 27.62
N GLY C 323 0.34 6.01 26.55
CA GLY C 323 -0.17 6.83 25.47
C GLY C 323 -0.89 5.97 24.45
N VAL C 324 -1.50 6.65 23.48
CA VAL C 324 -2.25 6.02 22.41
C VAL C 324 -1.87 6.67 21.09
N LEU C 325 -1.76 5.85 20.05
CA LEU C 325 -1.48 6.30 18.70
C LEU C 325 -2.72 6.03 17.86
N ALA C 326 -3.65 6.99 17.87
CA ALA C 326 -4.92 6.86 17.17
C ALA C 326 -4.86 7.72 15.91
N GLY C 327 -4.46 7.09 14.80
CA GLY C 327 -4.37 7.79 13.54
C GLY C 327 -4.75 6.93 12.35
N HIS C 328 -5.36 5.78 12.61
CA HIS C 328 -5.73 4.84 11.56
C HIS C 328 -7.22 4.53 11.63
N ASP C 329 -7.83 4.38 10.46
CA ASP C 329 -9.25 4.07 10.35
C ASP C 329 -9.53 2.57 10.24
N ASN C 330 -8.50 1.74 10.34
CA ASN C 330 -8.68 0.30 10.26
C ASN C 330 -7.64 -0.38 11.14
N ARG C 331 -7.70 -1.71 11.18
CA ARG C 331 -6.85 -2.49 12.07
C ARG C 331 -5.37 -2.16 11.82
N VAL C 332 -4.64 -1.92 12.90
CA VAL C 332 -3.20 -1.72 12.82
C VAL C 332 -2.54 -3.10 12.69
N SER C 333 -1.99 -3.39 11.52
CA SER C 333 -1.49 -4.72 11.22
C SER C 333 0.00 -4.86 11.51
N CYS C 334 0.78 -3.79 11.37
CA CYS C 334 2.22 -3.86 11.54
C CYS C 334 2.69 -2.62 12.29
N LEU C 335 3.88 -2.73 12.88
CA LEU C 335 4.40 -1.69 13.75
C LEU C 335 5.90 -1.90 13.91
N GLY C 336 6.68 -0.84 13.76
CA GLY C 336 8.12 -0.93 13.85
C GLY C 336 8.73 0.33 14.41
N VAL C 337 9.90 0.18 15.01
CA VAL C 337 10.65 1.29 15.59
C VAL C 337 12.03 1.31 14.95
N THR C 338 12.49 2.52 14.60
CA THR C 338 13.78 2.67 13.96
C THR C 338 14.90 2.20 14.88
N ASP C 339 16.03 1.85 14.27
CA ASP C 339 17.17 1.38 15.05
C ASP C 339 17.66 2.47 16.00
N ASP C 340 17.72 3.71 15.54
CA ASP C 340 18.09 4.82 16.39
C ASP C 340 16.98 5.22 17.35
N GLY C 341 15.79 4.63 17.22
CA GLY C 341 14.68 4.92 18.10
C GLY C 341 13.99 6.24 17.85
N MET C 342 14.32 6.94 16.76
CA MET C 342 13.80 8.28 16.56
C MET C 342 12.29 8.27 16.36
N ALA C 343 11.76 7.32 15.59
CA ALA C 343 10.36 7.34 15.19
C ALA C 343 9.78 5.94 15.23
N VAL C 344 8.46 5.88 15.19
CA VAL C 344 7.71 4.63 15.12
C VAL C 344 6.86 4.66 13.85
N ALA C 345 6.92 3.57 13.09
CA ALA C 345 6.09 3.41 11.90
C ALA C 345 4.96 2.44 12.21
N THR C 346 3.74 2.82 11.84
CA THR C 346 2.57 1.97 12.01
C THR C 346 1.87 1.82 10.67
N GLY C 347 1.60 0.58 10.30
CA GLY C 347 0.78 0.28 9.13
C GLY C 347 -0.50 -0.38 9.58
N SER C 348 -1.58 -0.13 8.84
CA SER C 348 -2.90 -0.62 9.21
C SER C 348 -3.61 -1.16 7.98
N TRP C 349 -4.81 -1.68 8.20
CA TRP C 349 -5.58 -2.27 7.11
C TRP C 349 -6.11 -1.22 6.14
N ASP C 350 -6.07 0.06 6.51
CA ASP C 350 -6.16 1.08 5.50
C ASP C 350 -4.81 1.20 4.80
N SER C 351 -4.80 1.89 3.66
CA SER C 351 -3.66 1.84 2.77
C SER C 351 -2.54 2.79 3.17
N PHE C 352 -2.46 3.20 4.43
CA PHE C 352 -1.54 4.27 4.85
C PHE C 352 -0.59 3.77 5.92
N LEU C 353 0.68 4.16 5.77
CA LEU C 353 1.66 4.06 6.84
C LEU C 353 1.78 5.41 7.54
N LYS C 354 1.93 5.39 8.85
CA LYS C 354 2.10 6.60 9.63
C LYS C 354 3.38 6.52 10.43
N ILE C 355 4.13 7.63 10.44
CA ILE C 355 5.37 7.75 11.20
C ILE C 355 5.11 8.69 12.37
N TRP C 356 5.43 8.24 13.58
CA TRP C 356 5.22 9.05 14.77
C TRP C 356 6.55 9.35 15.46
N ASN C 357 6.58 10.43 16.23
CA ASN C 357 7.79 10.82 16.95
C ASN C 357 7.48 11.64 18.20
N SER D 8 2.40 -43.19 17.41
CA SER D 8 2.45 -42.06 18.33
C SER D 8 3.53 -42.23 19.38
N ILE D 9 4.05 -43.45 19.51
CA ILE D 9 5.10 -43.72 20.49
C ILE D 9 6.33 -42.90 20.17
N ALA D 10 6.71 -42.84 18.90
CA ALA D 10 7.88 -42.05 18.51
C ALA D 10 7.67 -40.58 18.84
N GLN D 11 6.48 -40.05 18.56
CA GLN D 11 6.19 -38.66 18.91
C GLN D 11 6.24 -38.45 20.42
N ALA D 12 5.68 -39.40 21.18
CA ALA D 12 5.69 -39.27 22.62
C ALA D 12 7.10 -39.25 23.18
N ARG D 13 7.97 -40.12 22.67
CA ARG D 13 9.36 -40.14 23.14
C ARG D 13 10.06 -38.84 22.78
N LYS D 14 9.79 -38.30 21.58
CA LYS D 14 10.41 -37.04 21.19
C LYS D 14 10.01 -35.91 22.13
N LEU D 15 8.72 -35.84 22.46
CA LEU D 15 8.26 -34.79 23.37
C LEU D 15 8.86 -34.97 24.76
N VAL D 16 8.94 -36.20 25.25
CA VAL D 16 9.53 -36.43 26.56
C VAL D 16 10.99 -36.02 26.57
N GLU D 17 11.73 -36.39 25.51
CA GLU D 17 13.13 -36.00 25.43
C GLU D 17 13.27 -34.48 25.37
N GLN D 18 12.40 -33.81 24.61
CA GLN D 18 12.44 -32.36 24.53
C GLN D 18 12.20 -31.74 25.90
N LEU D 19 11.21 -32.25 26.63
CA LEU D 19 10.92 -31.71 27.96
C LEU D 19 12.09 -31.92 28.91
N LYS D 20 12.80 -33.04 28.76
CA LYS D 20 13.96 -33.28 29.61
C LYS D 20 15.01 -32.20 29.42
N MET D 21 15.24 -31.77 28.18
CA MET D 21 16.16 -30.68 27.93
C MET D 21 15.68 -29.40 28.60
N GLU D 22 14.36 -29.18 28.61
CA GLU D 22 13.81 -27.98 29.23
C GLU D 22 14.11 -27.94 30.72
N ALA D 23 13.98 -29.08 31.41
CA ALA D 23 14.13 -29.11 32.85
C ALA D 23 15.58 -28.88 33.29
N ASN D 24 16.54 -29.07 32.39
CA ASN D 24 17.95 -28.93 32.75
C ASN D 24 18.44 -27.50 32.70
N ILE D 25 17.60 -26.54 32.27
CA ILE D 25 18.04 -25.16 32.18
C ILE D 25 18.32 -24.61 33.58
N ASP D 26 19.34 -23.76 33.66
CA ASP D 26 19.65 -23.05 34.90
C ASP D 26 18.88 -21.74 34.93
N ARG D 27 18.13 -21.52 36.01
CA ARG D 27 17.25 -20.37 36.14
C ARG D 27 17.73 -19.46 37.26
N ILE D 28 17.52 -18.16 37.06
CA ILE D 28 17.87 -17.17 38.06
C ILE D 28 16.58 -16.68 38.73
N LYS D 29 16.74 -15.97 39.85
CA LYS D 29 15.59 -15.45 40.57
C LYS D 29 14.90 -14.36 39.73
N VAL D 30 13.57 -14.31 39.80
CA VAL D 30 12.83 -13.32 39.03
C VAL D 30 13.21 -11.91 39.45
N SER D 31 13.50 -11.71 40.74
CA SER D 31 13.93 -10.39 41.19
C SER D 31 15.21 -9.96 40.51
N LYS D 32 16.17 -10.88 40.38
CA LYS D 32 17.39 -10.56 39.64
C LYS D 32 17.09 -10.27 38.18
N ALA D 33 16.20 -11.07 37.57
CA ALA D 33 15.81 -10.80 36.18
C ALA D 33 15.11 -9.46 36.07
N ALA D 34 14.22 -9.15 37.01
CA ALA D 34 13.53 -7.87 36.99
C ALA D 34 14.51 -6.71 37.18
N ALA D 35 15.47 -6.87 38.08
CA ALA D 35 16.44 -5.80 38.33
C ALA D 35 17.27 -5.52 37.08
N ASP D 36 17.66 -6.56 36.35
CA ASP D 36 18.47 -6.37 35.16
C ASP D 36 17.70 -5.56 34.11
N LEU D 37 16.41 -5.85 33.94
CA LEU D 37 15.61 -5.06 33.01
C LEU D 37 15.52 -3.61 33.46
N MET D 38 15.34 -3.38 34.76
CA MET D 38 15.31 -2.02 35.28
C MET D 38 16.63 -1.32 35.04
N ALA D 39 17.75 -2.01 35.28
CA ALA D 39 19.06 -1.38 35.08
C ALA D 39 19.28 -1.01 33.63
N TYR D 40 18.90 -1.89 32.70
CA TYR D 40 19.11 -1.59 31.29
C TYR D 40 18.29 -0.37 30.86
N CYS D 41 17.05 -0.28 31.31
CA CYS D 41 16.21 0.85 30.92
C CYS D 41 16.78 2.17 31.43
N GLU D 42 17.27 2.17 32.67
CA GLU D 42 17.84 3.39 33.24
C GLU D 42 19.14 3.77 32.54
N ALA D 43 19.93 2.78 32.15
CA ALA D 43 21.22 3.06 31.51
C ALA D 43 21.07 3.57 30.08
N HIS D 44 19.88 3.44 29.48
CA HIS D 44 19.65 3.87 28.10
C HIS D 44 18.50 4.86 27.99
N ALA D 45 18.06 5.42 29.12
CA ALA D 45 16.94 6.36 29.08
C ALA D 45 17.28 7.59 28.26
N LYS D 46 18.49 8.12 28.42
CA LYS D 46 18.87 9.35 27.72
C LYS D 46 18.99 9.15 26.22
N GLU D 47 19.16 7.92 25.75
CA GLU D 47 19.32 7.63 24.33
C GLU D 47 18.01 7.20 23.67
N ASP D 48 16.88 7.37 24.36
CA ASP D 48 15.56 6.97 23.87
C ASP D 48 14.78 8.22 23.49
N PRO D 49 14.84 8.69 22.24
CA PRO D 49 14.10 9.90 21.89
C PRO D 49 12.59 9.78 22.08
N LEU D 50 12.02 8.58 21.92
CA LEU D 50 10.58 8.43 22.16
C LEU D 50 10.25 8.61 23.64
N LEU D 51 11.05 8.01 24.53
CA LEU D 51 10.83 8.20 25.95
C LEU D 51 11.05 9.65 26.36
N THR D 52 12.11 10.26 25.86
CA THR D 52 12.43 11.65 26.14
C THR D 52 12.33 12.46 24.84
N PRO D 53 11.24 13.17 24.59
CA PRO D 53 11.12 13.90 23.33
C PRO D 53 12.28 14.87 23.13
N VAL D 54 12.78 14.91 21.91
CA VAL D 54 13.93 15.75 21.56
C VAL D 54 13.42 17.02 20.88
N PRO D 55 14.12 18.14 20.98
CA PRO D 55 13.69 19.34 20.27
C PRO D 55 13.77 19.17 18.76
N ALA D 56 13.08 20.06 18.06
CA ALA D 56 12.99 19.96 16.61
C ALA D 56 14.32 20.17 15.91
N SER D 57 15.35 20.65 16.62
CA SER D 57 16.62 20.93 15.98
C SER D 57 17.21 19.66 15.35
N GLU D 58 17.22 18.56 16.09
CA GLU D 58 17.79 17.31 15.61
C GLU D 58 16.72 16.25 15.33
N ASN D 59 15.46 16.65 15.20
CA ASN D 59 14.40 15.72 14.85
C ASN D 59 14.36 15.55 13.34
N PRO D 60 14.68 14.37 12.80
CA PRO D 60 14.61 14.19 11.34
C PRO D 60 13.20 14.31 10.79
N PHE D 61 12.18 14.16 11.61
CA PHE D 61 10.78 14.24 11.18
C PHE D 61 10.18 15.49 11.80
N ARG D 62 10.19 16.58 11.05
CA ARG D 62 9.66 17.86 11.53
C ARG D 62 8.31 18.13 10.87
N GLU D 63 7.92 19.40 10.78
CA GLU D 63 6.66 19.78 10.14
N ASP E 1 27.64 -6.32 -19.14
CA ASP E 1 26.89 -5.86 -20.35
C ASP E 1 25.89 -4.76 -19.99
N VAL E 2 26.39 -3.54 -19.80
CA VAL E 2 25.54 -2.38 -19.55
C VAL E 2 25.94 -1.30 -20.53
N GLN E 3 26.43 -1.70 -21.70
CA GLN E 3 27.09 -0.79 -22.62
C GLN E 3 26.12 0.26 -23.16
N LEU E 4 26.66 1.45 -23.39
CA LEU E 4 26.00 2.52 -24.15
C LEU E 4 26.84 2.80 -25.38
N VAL E 5 26.23 2.70 -26.56
CA VAL E 5 26.94 2.84 -27.82
C VAL E 5 26.40 4.09 -28.51
N GLU E 6 27.29 5.04 -28.80
CA GLU E 6 26.93 6.26 -29.49
C GLU E 6 27.35 6.18 -30.95
N SER E 7 26.62 6.89 -31.80
CA SER E 7 26.89 6.92 -33.22
C SER E 7 26.35 8.21 -33.80
N GLY E 8 26.79 8.52 -35.02
CA GLY E 8 26.36 9.73 -35.70
C GLY E 8 27.37 10.85 -35.71
N GLY E 9 28.59 10.62 -35.23
CA GLY E 9 29.63 11.64 -35.26
C GLY E 9 30.44 11.58 -36.54
N GLY E 10 30.95 12.74 -36.94
CA GLY E 10 31.74 12.82 -38.15
C GLY E 10 31.94 14.26 -38.57
N LEU E 11 32.50 14.42 -39.76
CA LEU E 11 32.78 15.75 -40.29
C LEU E 11 31.48 16.41 -40.75
N VAL E 12 31.24 17.64 -40.27
CA VAL E 12 30.06 18.40 -40.64
C VAL E 12 30.49 19.85 -40.85
N GLN E 13 29.97 20.46 -41.92
CA GLN E 13 30.32 21.84 -42.21
C GLN E 13 29.73 22.78 -41.17
N PRO E 14 30.36 23.92 -40.92
CA PRO E 14 29.82 24.85 -39.93
C PRO E 14 28.44 25.33 -40.33
N GLY E 15 27.57 25.51 -39.34
CA GLY E 15 26.21 25.92 -39.58
C GLY E 15 25.28 24.79 -39.99
N GLY E 16 25.78 23.56 -40.08
CA GLY E 16 24.96 22.44 -40.48
C GLY E 16 24.20 21.84 -39.31
N SER E 17 23.68 20.63 -39.55
CA SER E 17 22.92 19.90 -38.55
C SER E 17 23.41 18.46 -38.50
N ARG E 18 23.21 17.83 -37.34
CA ARG E 18 23.62 16.45 -37.14
C ARG E 18 22.91 15.90 -35.91
N LYS E 19 22.50 14.65 -35.98
CA LYS E 19 21.83 13.98 -34.87
C LYS E 19 22.71 12.86 -34.34
N LEU E 20 22.95 12.86 -33.04
CA LEU E 20 23.71 11.81 -32.38
C LEU E 20 22.75 10.83 -31.72
N SER E 21 23.03 9.54 -31.90
CA SER E 21 22.23 8.47 -31.32
C SER E 21 23.05 7.75 -30.26
N CYS E 22 22.34 7.16 -29.29
CA CYS E 22 22.97 6.42 -28.20
C CYS E 22 22.08 5.22 -27.88
N SER E 23 22.51 4.03 -28.30
CA SER E 23 21.75 2.81 -28.12
C SER E 23 22.11 2.19 -26.77
N ALA E 24 21.14 2.16 -25.86
CA ALA E 24 21.35 1.57 -24.54
C ALA E 24 21.03 0.07 -24.59
N SER E 25 21.70 -0.69 -23.72
CA SER E 25 21.52 -2.13 -23.69
C SER E 25 21.96 -2.65 -22.33
N GLY E 26 21.25 -3.67 -21.85
CA GLY E 26 21.64 -4.34 -20.62
C GLY E 26 21.22 -3.66 -19.35
N PHE E 27 20.31 -2.69 -19.41
CA PHE E 27 19.78 -2.07 -18.20
C PHE E 27 18.45 -1.42 -18.53
N ALA E 28 17.71 -1.07 -17.47
CA ALA E 28 16.40 -0.45 -17.63
C ALA E 28 16.56 0.99 -18.09
N PHE E 29 16.59 1.20 -19.42
CA PHE E 29 16.90 2.52 -19.96
C PHE E 29 15.87 3.55 -19.50
N SER E 30 14.59 3.18 -19.49
CA SER E 30 13.55 4.14 -19.14
C SER E 30 13.64 4.61 -17.71
N SER E 31 14.35 3.88 -16.84
CA SER E 31 14.46 4.23 -15.43
C SER E 31 15.61 5.18 -15.14
N PHE E 32 16.45 5.49 -16.12
CA PHE E 32 17.63 6.31 -15.92
C PHE E 32 17.46 7.65 -16.62
N GLY E 33 17.78 8.73 -15.91
CA GLY E 33 17.98 10.00 -16.58
C GLY E 33 19.29 9.99 -17.34
N MET E 34 19.25 10.56 -18.54
CA MET E 34 20.38 10.49 -19.46
C MET E 34 20.98 11.87 -19.65
N HIS E 35 22.31 11.92 -19.71
CA HIS E 35 23.06 13.15 -19.90
C HIS E 35 23.90 13.04 -21.16
N TRP E 36 24.17 14.18 -21.78
CA TRP E 36 25.16 14.29 -22.84
C TRP E 36 26.32 15.12 -22.31
N VAL E 37 27.52 14.55 -22.35
CA VAL E 37 28.72 15.21 -21.88
C VAL E 37 29.70 15.32 -23.03
N ARG E 38 30.40 16.45 -23.09
CA ARG E 38 31.24 16.81 -24.21
C ARG E 38 32.66 17.00 -23.74
N GLN E 39 33.62 16.65 -24.61
CA GLN E 39 35.04 16.81 -24.32
C GLN E 39 35.74 17.25 -25.59
N ALA E 40 36.21 18.50 -25.61
CA ALA E 40 36.92 19.03 -26.76
C ALA E 40 38.13 18.15 -27.06
N PRO E 41 38.78 18.31 -28.22
CA PRO E 41 39.88 17.40 -28.57
C PRO E 41 40.98 17.34 -27.53
N GLU E 42 41.31 18.46 -26.89
CA GLU E 42 42.39 18.49 -25.91
C GLU E 42 41.99 19.32 -24.71
N LYS E 43 40.76 19.15 -24.23
CA LYS E 43 40.30 19.87 -23.05
C LYS E 43 39.51 18.94 -22.13
N GLY E 44 38.90 19.51 -21.09
CA GLY E 44 38.17 18.72 -20.11
C GLY E 44 36.73 18.47 -20.52
N LEU E 45 36.01 17.80 -19.62
CA LEU E 45 34.62 17.46 -19.88
C LEU E 45 33.73 18.70 -19.78
N GLU E 46 32.58 18.64 -20.43
CA GLU E 46 31.62 19.73 -20.40
C GLU E 46 30.22 19.17 -20.58
N TRP E 47 29.39 19.33 -19.56
CA TRP E 47 28.02 18.84 -19.63
C TRP E 47 27.22 19.60 -20.68
N VAL E 48 26.41 18.89 -21.45
CA VAL E 48 25.67 19.45 -22.57
C VAL E 48 24.18 19.52 -22.29
N ALA E 49 23.55 18.37 -22.05
CA ALA E 49 22.10 18.34 -21.89
C ALA E 49 21.71 17.16 -21.00
N TYR E 50 20.49 17.22 -20.49
CA TYR E 50 19.98 16.19 -19.59
C TYR E 50 18.51 15.98 -19.86
N ILE E 51 18.08 14.73 -19.93
CA ILE E 51 16.67 14.36 -20.06
C ILE E 51 16.33 13.40 -18.93
N SER E 52 15.26 13.70 -18.20
CA SER E 52 14.89 12.92 -17.04
C SER E 52 14.22 11.62 -17.46
N SER E 53 13.93 10.77 -16.47
CA SER E 53 13.14 9.57 -16.72
C SER E 53 11.70 9.98 -17.04
N GLY E 54 11.17 9.45 -18.13
CA GLY E 54 9.88 9.88 -18.61
C GLY E 54 9.89 11.15 -19.41
N SER E 55 11.07 11.76 -19.63
CA SER E 55 11.22 12.98 -20.42
C SER E 55 10.53 14.18 -19.76
N GLY E 56 10.21 14.07 -18.47
CA GLY E 56 9.53 15.18 -17.81
C GLY E 56 10.39 16.43 -17.72
N THR E 57 11.66 16.28 -17.36
CA THR E 57 12.57 17.39 -17.17
C THR E 57 13.68 17.35 -18.22
N ILE E 58 14.01 18.52 -18.75
CA ILE E 58 15.08 18.66 -19.72
C ILE E 58 15.89 19.90 -19.36
N TYR E 59 17.22 19.78 -19.47
CA TYR E 59 18.12 20.89 -19.19
C TYR E 59 19.17 20.96 -20.28
N TYR E 60 19.61 22.17 -20.59
CA TYR E 60 20.63 22.42 -21.60
C TYR E 60 21.69 23.34 -21.05
N ALA E 61 22.92 23.17 -21.53
CA ALA E 61 23.97 24.11 -21.22
C ALA E 61 23.70 25.45 -21.91
N ASP E 62 24.10 26.54 -21.27
CA ASP E 62 23.83 27.86 -21.82
C ASP E 62 24.48 28.06 -23.18
N THR E 63 25.51 27.28 -23.51
CA THR E 63 26.21 27.42 -24.78
C THR E 63 25.57 26.59 -25.89
N VAL E 64 24.53 25.80 -25.58
CA VAL E 64 23.83 25.01 -26.59
C VAL E 64 22.32 25.22 -26.54
N LYS E 65 21.83 25.99 -25.60
CA LYS E 65 20.36 26.12 -25.48
C LYS E 65 19.85 26.70 -26.79
N GLY E 66 18.69 26.25 -27.22
CA GLY E 66 18.08 26.69 -28.45
C GLY E 66 18.63 26.04 -29.70
N ARG E 67 19.87 25.53 -29.66
CA ARG E 67 20.48 24.87 -30.80
C ARG E 67 20.38 23.35 -30.72
N PHE E 68 20.60 22.78 -29.53
CA PHE E 68 20.57 21.34 -29.33
C PHE E 68 19.22 20.92 -28.77
N THR E 69 18.81 19.71 -29.12
CA THR E 69 17.60 19.11 -28.60
C THR E 69 17.90 17.69 -28.15
N ILE E 70 17.54 17.37 -26.92
CA ILE E 70 17.76 16.03 -26.36
C ILE E 70 16.41 15.32 -26.30
N SER E 71 16.39 14.07 -26.77
CA SER E 71 15.18 13.27 -26.79
C SER E 71 15.56 11.81 -26.59
N ARG E 72 14.58 11.01 -26.20
CA ARG E 72 14.80 9.59 -25.96
C ARG E 72 13.61 8.80 -26.46
N ASP E 73 13.88 7.61 -27.00
CA ASP E 73 12.85 6.67 -27.42
C ASP E 73 12.94 5.47 -26.48
N ASP E 74 12.16 5.49 -25.41
CA ASP E 74 12.26 4.44 -24.40
C ASP E 74 11.99 3.06 -24.98
N PRO E 75 10.93 2.83 -25.78
CA PRO E 75 10.75 1.49 -26.37
C PRO E 75 11.94 1.05 -27.20
N LYS E 76 12.58 1.98 -27.90
CA LYS E 76 13.74 1.66 -28.72
C LYS E 76 15.05 1.69 -27.94
N ASN E 77 15.03 2.08 -26.67
CA ASN E 77 16.23 2.14 -25.84
C ASN E 77 17.31 2.99 -26.50
N THR E 78 16.90 4.17 -26.99
CA THR E 78 17.80 5.06 -27.71
C THR E 78 17.68 6.47 -27.15
N LEU E 79 18.82 7.18 -27.14
CA LEU E 79 18.89 8.57 -26.73
C LEU E 79 19.42 9.40 -27.90
N PHE E 80 18.79 10.53 -28.16
CA PHE E 80 19.09 11.36 -29.31
C PHE E 80 19.57 12.73 -28.87
N LEU E 81 20.42 13.34 -29.68
CA LEU E 81 20.83 14.74 -29.51
C LEU E 81 20.83 15.38 -30.89
N GLN E 82 19.83 16.22 -31.16
CA GLN E 82 19.72 16.91 -32.44
C GLN E 82 20.44 18.24 -32.35
N MET E 83 21.50 18.40 -33.12
CA MET E 83 22.33 19.60 -33.12
C MET E 83 22.07 20.39 -34.39
N THR E 84 21.82 21.69 -34.24
CA THR E 84 21.59 22.59 -35.35
C THR E 84 22.47 23.82 -35.21
N SER E 85 22.78 24.45 -36.34
CA SER E 85 23.65 25.62 -36.37
C SER E 85 24.98 25.33 -35.69
N LEU E 86 25.56 24.18 -36.02
CA LEU E 86 26.82 23.78 -35.39
C LEU E 86 27.93 24.78 -35.72
N ARG E 87 28.74 25.08 -34.71
CA ARG E 87 29.86 26.00 -34.83
C ARG E 87 31.17 25.25 -34.63
N SER E 88 32.27 25.96 -34.87
CA SER E 88 33.59 25.36 -34.68
C SER E 88 33.85 25.02 -33.22
N GLU E 89 33.13 25.65 -32.29
CA GLU E 89 33.29 25.36 -30.87
C GLU E 89 32.58 24.07 -30.44
N ASP E 90 31.80 23.46 -31.32
CA ASP E 90 31.11 22.22 -31.02
C ASP E 90 31.94 20.99 -31.33
N THR E 91 33.10 21.14 -31.97
CA THR E 91 33.95 19.99 -32.27
C THR E 91 34.43 19.37 -30.96
N ALA E 92 34.08 18.11 -30.74
CA ALA E 92 34.40 17.42 -29.50
C ALA E 92 33.89 15.99 -29.59
N MET E 93 34.17 15.23 -28.53
CA MET E 93 33.71 13.86 -28.39
C MET E 93 32.50 13.97 -27.46
N TYR E 94 31.39 13.33 -27.82
CA TYR E 94 30.17 13.40 -27.05
C TYR E 94 29.93 12.07 -26.35
N TYR E 95 29.71 12.12 -25.04
CA TYR E 95 29.55 10.93 -24.22
C TYR E 95 28.11 10.79 -23.77
N CYS E 96 27.61 9.56 -23.83
CA CYS E 96 26.27 9.22 -23.37
C CYS E 96 26.39 8.69 -21.94
N VAL E 97 25.77 9.38 -20.99
CA VAL E 97 25.92 9.08 -19.57
C VAL E 97 24.54 8.81 -18.99
N ARG E 98 24.41 7.69 -18.29
CA ARG E 98 23.18 7.33 -17.60
C ARG E 98 23.31 7.72 -16.13
N SER E 99 22.18 8.14 -15.55
CA SER E 99 22.17 8.54 -14.15
C SER E 99 20.78 8.32 -13.59
N ILE E 100 20.69 7.60 -12.47
CA ILE E 100 19.44 7.31 -11.79
C ILE E 100 19.46 8.07 -10.46
N TYR E 101 18.33 8.69 -10.12
CA TYR E 101 18.24 9.57 -8.96
C TYR E 101 17.19 9.04 -7.99
N TYR E 102 17.67 8.48 -6.88
CA TYR E 102 16.84 8.19 -5.72
C TYR E 102 17.75 8.18 -4.51
N TYR E 103 17.16 8.04 -3.32
CA TYR E 103 17.96 8.08 -2.10
C TYR E 103 19.01 6.97 -2.13
N GLY E 104 20.27 7.36 -2.00
CA GLY E 104 21.36 6.41 -1.99
C GLY E 104 21.81 5.94 -3.35
N SER E 105 21.27 6.50 -4.43
CA SER E 105 21.66 6.07 -5.77
C SER E 105 23.02 6.64 -6.14
N SER E 106 23.52 6.21 -7.29
CA SER E 106 24.85 6.59 -7.79
C SER E 106 24.69 7.18 -9.18
N PRO E 107 24.43 8.48 -9.29
CA PRO E 107 24.32 9.09 -10.62
C PRO E 107 25.65 9.09 -11.36
N PHE E 108 25.57 9.18 -12.69
CA PHE E 108 26.73 9.25 -13.55
C PHE E 108 27.61 8.01 -13.41
N ASP E 109 26.99 6.87 -13.14
CA ASP E 109 27.76 5.66 -12.84
C ASP E 109 28.36 5.02 -14.09
N PHE E 110 27.68 5.10 -15.23
CA PHE E 110 28.16 4.48 -16.46
C PHE E 110 28.19 5.51 -17.58
N TRP E 111 29.31 5.54 -18.30
CA TRP E 111 29.49 6.42 -19.45
C TRP E 111 29.65 5.59 -20.71
N GLY E 112 29.17 6.10 -21.83
CA GLY E 112 29.35 5.44 -23.10
C GLY E 112 30.78 5.59 -23.60
N GLN E 113 31.05 4.92 -24.73
CA GLN E 113 32.38 4.99 -25.31
C GLN E 113 32.64 6.31 -26.02
N GLY E 114 31.61 7.05 -26.37
CA GLY E 114 31.76 8.35 -26.98
C GLY E 114 31.78 8.29 -28.50
N THR E 115 31.31 9.36 -29.12
CA THR E 115 31.34 9.53 -30.57
C THR E 115 31.93 10.89 -30.88
N THR E 116 32.85 10.92 -31.84
CA THR E 116 33.60 12.14 -32.16
C THR E 116 32.86 12.93 -33.23
N LEU E 117 32.65 14.22 -32.96
CA LEU E 117 32.07 15.15 -33.92
C LEU E 117 33.07 16.26 -34.19
N THR E 118 33.37 16.50 -35.46
CA THR E 118 34.33 17.51 -35.87
C THR E 118 33.64 18.50 -36.80
N VAL E 119 33.72 19.78 -36.47
CA VAL E 119 33.13 20.85 -37.26
C VAL E 119 34.26 21.57 -37.97
N SER E 120 34.22 21.60 -39.30
CA SER E 120 35.26 22.25 -40.08
C SER E 120 35.22 23.76 -39.87
N SER E 121 36.37 24.39 -40.05
CA SER E 121 36.49 25.85 -39.90
C SER E 121 36.22 26.55 -41.22
N SER E 136 26.84 33.08 -12.90
CA SER E 136 25.94 32.37 -11.99
C SER E 136 26.35 30.91 -11.87
N ASP E 137 26.97 30.38 -12.92
CA ASP E 137 27.39 28.98 -12.90
C ASP E 137 28.46 28.76 -11.83
N ILE E 138 28.36 27.61 -11.16
CA ILE E 138 29.37 27.25 -10.17
C ILE E 138 30.67 26.93 -10.88
N VAL E 139 31.78 27.47 -10.36
CA VAL E 139 33.09 27.30 -10.94
C VAL E 139 33.88 26.31 -10.10
N MET E 140 34.38 25.25 -10.75
CA MET E 140 35.19 24.23 -10.10
C MET E 140 36.63 24.40 -10.56
N THR E 141 37.54 24.49 -9.60
CA THR E 141 38.95 24.80 -9.88
C THR E 141 39.82 23.63 -9.45
N GLN E 142 40.72 23.22 -10.33
CA GLN E 142 41.75 22.22 -10.05
C GLN E 142 43.10 22.87 -10.35
N ALA E 143 43.73 23.43 -9.32
CA ALA E 143 44.95 24.18 -9.52
C ALA E 143 46.05 23.31 -10.13
N THR E 144 46.21 22.09 -9.62
CA THR E 144 47.26 21.19 -10.09
C THR E 144 46.80 20.56 -11.40
N SER E 145 47.26 21.11 -12.52
CA SER E 145 46.94 20.54 -13.81
C SER E 145 47.61 19.21 -14.05
N SER E 146 48.81 19.01 -13.51
CA SER E 146 49.52 17.74 -13.65
C SER E 146 50.44 17.57 -12.44
N VAL E 147 50.73 16.31 -12.13
CA VAL E 147 51.62 15.99 -11.01
C VAL E 147 52.22 14.61 -11.23
N PRO E 148 53.55 14.47 -11.28
CA PRO E 148 54.14 13.15 -11.46
C PRO E 148 53.88 12.25 -10.26
N VAL E 149 53.75 10.96 -10.55
CA VAL E 149 53.47 9.95 -9.52
C VAL E 149 54.29 8.71 -9.83
N THR E 150 54.55 7.92 -8.78
CA THR E 150 55.26 6.67 -8.91
C THR E 150 54.44 5.54 -8.30
N PRO E 151 54.47 4.34 -8.88
CA PRO E 151 53.68 3.24 -8.31
C PRO E 151 54.08 2.97 -6.86
N GLY E 152 53.08 2.65 -6.05
CA GLY E 152 53.28 2.39 -4.64
C GLY E 152 53.15 3.62 -3.75
N GLU E 153 53.16 4.82 -4.32
CA GLU E 153 53.04 6.04 -3.55
C GLU E 153 51.58 6.46 -3.42
N SER E 154 51.33 7.38 -2.48
CA SER E 154 50.01 7.91 -2.23
C SER E 154 49.95 9.36 -2.70
N VAL E 155 48.92 9.69 -3.48
CA VAL E 155 48.75 11.02 -4.03
C VAL E 155 47.35 11.51 -3.70
N SER E 156 47.20 12.84 -3.67
CA SER E 156 45.92 13.46 -3.37
C SER E 156 45.63 14.52 -4.43
N ILE E 157 44.41 14.49 -4.98
CA ILE E 157 43.96 15.43 -5.98
C ILE E 157 43.06 16.45 -5.31
N SER E 158 43.30 17.73 -5.58
CA SER E 158 42.58 18.82 -4.95
C SER E 158 41.62 19.47 -5.94
N CYS E 159 40.39 19.70 -5.49
CA CYS E 159 39.39 20.42 -6.26
C CYS E 159 38.73 21.45 -5.37
N ARG E 160 38.39 22.59 -5.95
CA ARG E 160 37.78 23.70 -5.22
C ARG E 160 36.53 24.17 -5.95
N SER E 161 35.56 24.64 -5.17
CA SER E 161 34.29 25.12 -5.69
C SER E 161 34.08 26.57 -5.29
N SER E 162 33.59 27.38 -6.23
CA SER E 162 33.31 28.78 -5.93
C SER E 162 32.11 28.95 -5.01
N LYS E 163 31.26 27.93 -4.91
CA LYS E 163 30.09 27.98 -4.04
C LYS E 163 30.05 26.69 -3.23
N SER E 164 29.53 26.79 -2.01
CA SER E 164 29.46 25.64 -1.12
C SER E 164 28.58 24.56 -1.73
N LEU E 165 29.17 23.38 -1.95
CA LEU E 165 28.43 22.26 -2.50
C LEU E 165 27.62 21.52 -1.45
N LEU E 166 27.85 21.79 -0.16
CA LEU E 166 27.05 21.18 0.89
C LEU E 166 25.64 21.76 0.86
N HIS E 167 24.65 20.87 0.90
CA HIS E 167 23.25 21.26 0.89
C HIS E 167 22.66 21.16 2.29
N SER E 168 21.51 21.81 2.48
CA SER E 168 20.85 21.79 3.78
C SER E 168 20.38 20.40 4.18
N ASN E 169 20.31 19.46 3.24
CA ASN E 169 19.90 18.09 3.54
C ASN E 169 21.08 17.22 3.98
N GLY E 170 22.28 17.76 4.05
CA GLY E 170 23.44 17.04 4.51
C GLY E 170 24.32 16.48 3.42
N ASN E 171 23.86 16.48 2.16
CA ASN E 171 24.63 15.94 1.06
C ASN E 171 25.58 17.00 0.50
N THR E 172 26.79 16.56 0.18
CA THR E 172 27.77 17.39 -0.52
C THR E 172 27.89 16.84 -1.94
N TYR E 173 27.31 17.56 -2.90
CA TYR E 173 27.18 17.06 -4.27
C TYR E 173 28.46 17.33 -5.05
N LEU E 174 29.45 16.47 -4.82
CA LEU E 174 30.69 16.48 -5.57
C LEU E 174 30.96 15.07 -6.10
N TYR E 175 31.36 14.99 -7.36
CA TYR E 175 31.63 13.73 -8.04
C TYR E 175 33.04 13.73 -8.58
N TRP E 176 33.70 12.58 -8.49
CA TRP E 176 35.05 12.38 -8.99
C TRP E 176 35.02 11.38 -10.13
N PHE E 177 35.63 11.74 -11.26
CA PHE E 177 35.70 10.88 -12.43
C PHE E 177 37.15 10.70 -12.84
N LEU E 178 37.46 9.51 -13.33
CA LEU E 178 38.78 9.17 -13.84
C LEU E 178 38.65 8.79 -15.31
N GLN E 179 39.43 9.44 -16.17
CA GLN E 179 39.45 9.17 -17.60
C GLN E 179 40.83 8.65 -17.97
N ARG E 180 40.97 7.34 -18.07
CA ARG E 180 42.24 6.74 -18.45
C ARG E 180 42.54 7.06 -19.92
N PRO E 181 43.82 7.00 -20.31
CA PRO E 181 44.17 7.34 -21.70
C PRO E 181 43.37 6.51 -22.69
N GLY E 182 42.79 7.19 -23.67
CA GLY E 182 42.01 6.52 -24.69
C GLY E 182 40.84 5.73 -24.14
N GLN E 183 40.17 6.24 -23.12
CA GLN E 183 39.06 5.53 -22.48
C GLN E 183 38.01 6.54 -22.05
N SER E 184 36.80 6.04 -21.84
CA SER E 184 35.71 6.88 -21.39
C SER E 184 35.84 7.18 -19.90
N PRO E 185 35.33 8.31 -19.43
CA PRO E 185 35.40 8.61 -18.00
C PRO E 185 34.67 7.57 -17.17
N GLN E 186 35.20 7.31 -15.97
CA GLN E 186 34.65 6.32 -15.06
C GLN E 186 34.39 6.98 -13.72
N LEU E 187 33.20 6.77 -13.17
CA LEU E 187 32.86 7.33 -11.88
C LEU E 187 33.70 6.66 -10.79
N LEU E 188 34.31 7.48 -9.93
CA LEU E 188 35.07 7.00 -8.79
C LEU E 188 34.33 7.22 -7.48
N ILE E 189 33.94 8.46 -7.19
CA ILE E 189 33.27 8.81 -5.94
C ILE E 189 32.11 9.74 -6.26
N TYR E 190 30.97 9.48 -5.64
CA TYR E 190 29.78 10.32 -5.81
C TYR E 190 29.40 10.92 -4.47
N ARG E 191 29.09 12.22 -4.48
CA ARG E 191 28.73 12.98 -3.28
C ARG E 191 29.90 13.02 -2.29
N MET E 192 31.12 13.01 -2.81
CA MET E 192 32.31 13.41 -2.08
C MET E 192 32.78 12.36 -1.07
N SER E 193 31.95 11.36 -0.80
CA SER E 193 32.31 10.38 0.23
C SER E 193 32.03 8.93 -0.13
N ASN E 194 31.25 8.65 -1.17
CA ASN E 194 30.79 7.29 -1.45
C ASN E 194 31.59 6.72 -2.61
N LEU E 195 32.09 5.50 -2.43
CA LEU E 195 32.85 4.83 -3.47
C LEU E 195 31.90 4.18 -4.47
N ALA E 196 32.11 4.45 -5.75
CA ALA E 196 31.28 3.86 -6.78
C ALA E 196 31.47 2.35 -6.83
N SER E 197 30.43 1.65 -7.27
CA SER E 197 30.50 0.19 -7.36
C SER E 197 31.64 -0.24 -8.27
N GLY E 198 32.41 -1.22 -7.80
CA GLY E 198 33.52 -1.73 -8.57
C GLY E 198 34.80 -0.94 -8.46
N VAL E 199 34.86 0.05 -7.60
CA VAL E 199 36.05 0.88 -7.40
C VAL E 199 36.76 0.38 -6.14
N PRO E 200 38.07 0.15 -6.19
CA PRO E 200 38.76 -0.40 -5.01
C PRO E 200 38.77 0.59 -3.85
N ASP E 201 39.03 0.05 -2.66
CA ASP E 201 39.05 0.85 -1.44
C ASP E 201 40.21 1.82 -1.39
N ARG E 202 41.17 1.72 -2.30
CA ARG E 202 42.30 2.65 -2.29
C ARG E 202 41.84 4.08 -2.51
N PHE E 203 40.91 4.29 -3.43
CA PHE E 203 40.38 5.63 -3.66
C PHE E 203 39.55 6.09 -2.46
N SER E 204 39.73 7.33 -2.06
CA SER E 204 39.02 7.90 -0.93
C SER E 204 38.69 9.35 -1.22
N GLY E 205 37.48 9.76 -0.85
CA GLY E 205 37.04 11.13 -1.03
C GLY E 205 36.66 11.79 0.27
N SER E 206 37.16 12.99 0.50
CA SER E 206 36.92 13.72 1.73
C SER E 206 36.99 15.22 1.44
N GLY E 207 36.50 16.02 2.38
CA GLY E 207 36.55 17.46 2.26
C GLY E 207 35.33 18.15 2.84
N SER E 208 35.36 19.47 2.84
CA SER E 208 34.25 20.29 3.31
C SER E 208 33.75 21.16 2.15
N GLY E 209 32.68 21.91 2.40
CA GLY E 209 32.14 22.77 1.39
C GLY E 209 33.19 23.70 0.79
N THR E 210 33.29 23.71 -0.54
CA THR E 210 34.20 24.54 -1.31
C THR E 210 35.63 24.02 -1.32
N ALA E 211 35.92 22.89 -0.65
CA ALA E 211 37.28 22.35 -0.63
C ALA E 211 37.20 20.84 -0.48
N PHE E 212 37.63 20.12 -1.51
CA PHE E 212 37.52 18.67 -1.55
C PHE E 212 38.83 18.06 -2.01
N THR E 213 39.07 16.82 -1.59
CA THR E 213 40.31 16.12 -1.90
C THR E 213 40.00 14.67 -2.23
N LEU E 214 40.69 14.15 -3.24
CA LEU E 214 40.61 12.75 -3.63
C LEU E 214 41.97 12.11 -3.32
N THR E 215 41.98 11.16 -2.39
CA THR E 215 43.21 10.52 -1.94
C THR E 215 43.29 9.11 -2.52
N ILE E 216 44.43 8.79 -3.11
CA ILE E 216 44.71 7.46 -3.63
C ILE E 216 45.82 6.86 -2.79
N SER E 217 45.57 5.70 -2.20
CA SER E 217 46.53 5.01 -1.35
C SER E 217 47.17 3.88 -2.14
N ARG E 218 48.51 3.82 -2.11
CA ARG E 218 49.25 2.79 -2.82
C ARG E 218 48.91 2.82 -4.31
N LEU E 219 49.13 3.98 -4.91
CA LEU E 219 48.84 4.14 -6.33
C LEU E 219 49.66 3.16 -7.15
N GLU E 220 49.05 2.64 -8.21
CA GLU E 220 49.67 1.63 -9.06
C GLU E 220 49.31 1.94 -10.50
N ALA E 221 49.53 0.96 -11.38
CA ALA E 221 49.21 1.12 -12.79
C ALA E 221 47.71 1.31 -12.97
N GLU E 222 47.28 1.48 -14.22
CA GLU E 222 45.85 1.67 -14.51
C GLU E 222 45.22 2.88 -13.81
N ASP E 223 46.03 3.67 -13.11
CA ASP E 223 45.54 4.85 -12.41
C ASP E 223 45.96 6.14 -13.07
N VAL E 224 46.94 6.10 -13.98
CA VAL E 224 47.34 7.30 -14.69
C VAL E 224 46.20 7.77 -15.58
N GLY E 225 45.98 9.07 -15.60
CA GLY E 225 44.91 9.65 -16.37
C GLY E 225 44.55 11.01 -15.81
N VAL E 226 43.42 11.53 -16.27
CA VAL E 226 42.91 12.83 -15.87
C VAL E 226 41.77 12.62 -14.89
N TYR E 227 41.87 13.26 -13.72
CA TYR E 227 40.84 13.18 -12.70
C TYR E 227 40.00 14.45 -12.75
N TYR E 228 38.69 14.29 -12.92
CA TYR E 228 37.76 15.41 -13.03
C TYR E 228 36.85 15.44 -11.82
N CYS E 229 36.57 16.64 -11.33
CA CYS E 229 35.62 16.85 -10.25
C CYS E 229 34.40 17.58 -10.79
N MET E 230 33.23 17.05 -10.49
CA MET E 230 31.97 17.59 -10.98
C MET E 230 31.05 17.89 -9.80
N GLN E 231 30.28 18.96 -9.93
CA GLN E 231 29.28 19.33 -8.94
C GLN E 231 27.90 19.04 -9.49
N HIS E 232 27.04 18.46 -8.63
CA HIS E 232 25.65 18.19 -8.98
C HIS E 232 24.69 18.97 -8.10
N LEU E 233 25.17 20.05 -7.46
CA LEU E 233 24.29 20.84 -6.59
C LEU E 233 23.17 21.47 -7.39
N GLU E 234 23.48 22.02 -8.56
CA GLU E 234 22.47 22.67 -9.39
C GLU E 234 22.97 22.71 -10.83
N TYR E 235 22.02 22.79 -11.75
CA TYR E 235 22.38 22.89 -13.16
C TYR E 235 22.74 24.33 -13.52
N PRO E 236 23.61 24.54 -14.51
CA PRO E 236 24.27 23.50 -15.30
C PRO E 236 25.40 22.80 -14.54
N LEU E 237 25.58 21.51 -14.79
CA LEU E 237 26.65 20.78 -14.14
C LEU E 237 28.00 21.21 -14.69
N THR E 238 28.91 21.55 -13.79
CA THR E 238 30.21 22.10 -14.16
C THR E 238 31.32 21.16 -13.71
N PHE E 239 32.32 20.98 -14.58
CA PHE E 239 33.47 20.14 -14.31
C PHE E 239 34.69 20.99 -14.02
N GLY E 240 35.65 20.40 -13.33
CA GLY E 240 36.94 21.03 -13.13
C GLY E 240 37.81 20.91 -14.36
N ALA E 241 38.96 21.60 -14.30
CA ALA E 241 39.88 21.57 -15.43
C ALA E 241 40.43 20.16 -15.65
N GLY E 242 40.70 19.43 -14.58
CA GLY E 242 41.22 18.07 -14.70
C GLY E 242 42.69 17.98 -14.34
N THR E 243 43.02 17.09 -13.42
CA THR E 243 44.39 16.88 -12.97
C THR E 243 44.92 15.59 -13.58
N LYS E 244 46.06 15.68 -14.24
CA LYS E 244 46.64 14.56 -14.98
C LYS E 244 47.73 13.89 -14.15
N LEU E 245 47.70 12.56 -14.11
CA LEU E 245 48.74 11.75 -13.48
C LEU E 245 49.53 11.02 -14.55
N GLU E 246 50.83 10.91 -14.33
CA GLU E 246 51.72 10.24 -15.25
C GLU E 246 52.85 9.58 -14.49
N LEU E 247 53.77 8.96 -15.22
CA LEU E 247 54.91 8.29 -14.62
C LEU E 247 54.45 7.22 -13.64
C11 J5F F . -35.06 -1.00 -10.48
C13 J5F F . -40.00 -0.32 -9.10
C14 J5F F . -40.48 -0.18 -7.64
C21 J5F F . -37.95 2.63 -9.10
C22 J5F F . -37.98 3.94 -9.54
C23 J5F F . -38.69 4.27 -10.70
C24 J5F F . -38.75 5.72 -11.19
C25 J5F F . -37.68 6.61 -11.03
C26 J5F F . -37.77 7.91 -11.48
C27 J5F F . -38.93 8.35 -12.10
C28 J5F F . -39.09 9.79 -12.63
C29 J5F F . -40.35 10.48 -12.08
C31 J5F F . -40.00 7.46 -12.26
C32 J5F F . -39.91 6.15 -11.81
C33 J5F F . -39.35 3.28 -11.42
C34 J5F F . -39.32 1.96 -10.98
O1 J5F F . -37.50 -1.77 -9.27
C2 J5F F . -37.44 -0.63 -9.55
C3 J5F F . -36.11 0.00 -10.01
C4 J5F F . -34.84 -0.22 -9.19
C5 J5F F . -33.69 0.75 -8.89
N6 J5F F . -32.92 0.54 -7.84
C7 J5F F . -31.92 1.35 -7.55
C8 J5F F . -31.67 2.45 -8.35
C9 J5F F . -32.46 2.70 -9.46
C10 J5F F . -33.50 1.83 -9.73
N12 J5F F . -38.66 0.22 -9.47
N15 J5F F . -39.55 -0.82 -6.73
C16 J5F F . -40.65 1.29 -7.24
C17 J5F F . -42.00 1.82 -7.73
C18 J5F F . -40.58 1.42 -5.72
C19 J5F F . -40.18 2.85 -5.33
C20 J5F F . -38.61 1.64 -9.85
C30 J5F F . -40.45 11.96 -12.49
C1 CLR G . -45.14 3.96 -10.08
C2 CLR G . -44.53 2.56 -10.07
C3 CLR G . -44.51 1.99 -11.49
C4 CLR G . -43.64 2.87 -12.37
C5 CLR G . -44.15 4.28 -12.31
C6 CLR G . -44.37 4.93 -13.47
C7 CLR G . -44.93 6.33 -13.56
C8 CLR G . -44.71 7.08 -12.25
C9 CLR G . -45.15 6.23 -11.07
C10 CLR G . -44.37 4.93 -10.97
C11 CLR G . -45.11 7.01 -9.75
C12 CLR G . -45.80 8.37 -9.81
C13 CLR G . -45.21 9.15 -10.97
C14 CLR G . -45.49 8.37 -12.22
C15 CLR G . -45.25 9.36 -13.36
C16 CLR G . -45.68 10.71 -12.76
C17 CLR G . -45.83 10.51 -11.25
C18 CLR G . -43.70 9.29 -10.76
C19 CLR G . -42.99 5.19 -10.37
C20 CLR G . -45.26 11.64 -10.39
C21 CLR G . -46.39 12.48 -9.79
C22 CLR G . -44.23 12.52 -11.10
C23 CLR G . -44.83 13.37 -12.23
C24 CLR G . -45.74 14.48 -11.71
C25 CLR G . -45.01 15.40 -10.73
C26 CLR G . -44.25 16.49 -11.45
C27 CLR G . -45.98 15.98 -9.72
O1 CLR G . -43.98 0.66 -11.48
C1 CLR H . -42.95 6.23 -15.93
C2 CLR H . -42.29 4.95 -15.43
C3 CLR H . -41.55 4.24 -16.56
C4 CLR H . -40.52 5.16 -17.22
C5 CLR H . -41.16 6.49 -17.54
C6 CLR H . -41.02 6.99 -18.79
C7 CLR H . -41.53 8.35 -19.18
C8 CLR H . -41.75 9.24 -17.96
C9 CLR H . -42.60 8.50 -16.94
C10 CLR H . -41.92 7.21 -16.46
C11 CLR H . -43.02 9.40 -15.77
C12 CLR H . -43.64 10.73 -16.22
C13 CLR H . -42.65 11.41 -17.16
C14 CLR H . -42.46 10.52 -18.35
C15 CLR H . -41.76 11.40 -19.38
C16 CLR H . -42.33 12.79 -19.11
C17 CLR H . -43.09 12.72 -17.80
C18 CLR H . -41.32 11.60 -16.43
C19 CLR H . -40.91 7.52 -15.35
C20 CLR H . -42.86 13.95 -16.94
C21 CLR H . -43.81 13.98 -15.75
C22 CLR H . -43.01 15.21 -17.78
C23 CLR H . -42.99 16.47 -16.91
C24 CLR H . -43.43 17.69 -17.70
C25 CLR H . -42.78 17.75 -19.07
C26 CLR H . -42.99 19.11 -19.71
C27 CLR H . -41.30 17.40 -19.01
O1 CLR H . -40.85 3.10 -16.01
C1 CLR I . -45.23 3.60 -3.37
C2 CLR I . -44.97 2.14 -3.73
C3 CLR I . -45.95 1.66 -4.79
C4 CLR I . -45.85 2.51 -6.04
C5 CLR I . -45.91 3.99 -5.70
C6 CLR I . -46.74 4.78 -6.40
C7 CLR I . -46.76 6.29 -6.24
C8 CLR I . -45.57 6.81 -5.45
C9 CLR I . -45.34 5.95 -4.20
C10 CLR I . -45.03 4.50 -4.58
C11 CLR I . -44.26 6.52 -3.27
C12 CLR I . -44.44 8.00 -2.96
C13 CLR I . -44.55 8.76 -4.28
C14 CLR I . -45.77 8.24 -4.99
C15 CLR I . -46.06 9.28 -6.07
C16 CLR I . -45.56 10.59 -5.47
C17 CLR I . -44.82 10.25 -4.18
C18 CLR I . -43.30 8.50 -5.11
C19 CLR I . -43.58 4.40 -5.05
C20 CLR I . -43.58 11.10 -3.98
C21 CLR I . -43.04 10.95 -2.57
C22 CLR I . -43.86 12.57 -4.31
C23 CLR I . -44.62 13.24 -3.18
C24 CLR I . -44.84 14.72 -3.46
C25 CLR I . -43.51 15.42 -3.70
C26 CLR I . -43.63 16.48 -4.78
C27 CLR I . -42.97 16.02 -2.41
O1 CLR I . -45.66 0.30 -5.12
#